data_3OND
#
_entry.id   3OND
#
_cell.length_a   122.417
_cell.length_b   122.417
_cell.length_c   126.571
_cell.angle_alpha   90.00
_cell.angle_beta   90.00
_cell.angle_gamma   90.00
#
_symmetry.space_group_name_H-M   'P 43 21 2'
#
loop_
_entity.id
_entity.type
_entity.pdbx_description
1 polymer Adenosylhomocysteinase
2 non-polymer NICOTINAMIDE-ADENINE-DINUCLEOTIDE
3 non-polymer 2-AMINO-2-HYDROXYMETHYL-PROPANE-1,3-DIOL
4 non-polymer ADENOSINE
5 non-polymer 'SODIUM ION'
6 water water
#
_entity_poly.entity_id   1
_entity_poly.type   'polypeptide(L)'
_entity_poly.pdbx_seq_one_letter_code
;GSHMALLVEKTTSGREYKVKDMSQADFGRLEIELAEVEMPGLMASRSEFGPSQPFKGAKITGSLHMTIQTAVLIETLTAL
GAEVRWCSCNIFSTQDHAAAAIARDSAAVFAWKGETLQEYWWCTERALDWGPGGGPDLIVDDGGDTTLLIHEGVKAEEIY
EKSGQFPDPDSTDNAEFKIVLSIIKEGLKTDPKRYHKMKDRVVGVSEETTTGVKRLYQMQANGTLLFPAINVNDSVTKSK
FDNLYGCRHSLPDGLMRATDVMIAGKVAVVAGYGDVGKGCAAALKQAGARVIVTEIDPICALQATMEGLQVLTLEDVVSE
ADIFVTTTGNKDIIMLDHMKKMKNNAIVCNIGHFDNEIDMLGLETHPGVKRITIKPQTDRWVFPETNTGIIILAEGRLMN
LGCATGHPSFVMSCSFTNQVIAQLELWNEKSSGKYEKKVYVLPKHLDEKVAALHLEKLGAKLTKLSKDQADYISVPVEGP
YKPFHYRY
;
_entity_poly.pdbx_strand_id   A,B
#
loop_
_chem_comp.id
_chem_comp.type
_chem_comp.name
_chem_comp.formula
ADN non-polymer ADENOSINE 'C10 H13 N5 O4'
NA non-polymer 'SODIUM ION' 'Na 1'
NAD non-polymer NICOTINAMIDE-ADENINE-DINUCLEOTIDE 'C21 H27 N7 O14 P2'
TRS non-polymer 2-AMINO-2-HYDROXYMETHYL-PROPANE-1,3-DIOL 'C4 H12 N O3 1'
#
# COMPACT_ATOMS: atom_id res chain seq x y z
N SER A 2 17.57 41.32 2.57
CA SER A 2 18.68 40.37 2.85
C SER A 2 20.03 41.09 2.98
N HIS A 3 20.88 40.63 3.90
CA HIS A 3 22.25 41.15 3.94
C HIS A 3 23.25 40.31 3.19
N MET A 4 22.78 39.29 2.48
CA MET A 4 23.69 38.40 1.78
C MET A 4 24.23 39.03 0.50
N ALA A 5 25.51 38.90 0.33
CA ALA A 5 26.18 39.29 -0.90
C ALA A 5 26.35 38.00 -1.70
N LEU A 6 25.84 37.98 -2.94
CA LEU A 6 25.81 36.79 -3.78
C LEU A 6 27.11 36.66 -4.58
N LEU A 7 28.12 36.43 -3.76
CA LEU A 7 29.47 36.16 -4.24
C LEU A 7 29.97 34.93 -3.51
N VAL A 8 30.54 34.00 -4.27
CA VAL A 8 30.99 32.77 -3.63
C VAL A 8 32.19 33.06 -2.76
N GLU A 9 32.24 32.32 -1.70
CA GLU A 9 33.40 32.25 -0.84
C GLU A 9 34.12 30.94 -1.14
N LYS A 10 35.34 30.79 -0.62
CA LYS A 10 36.11 29.57 -0.85
C LYS A 10 36.80 29.12 0.38
N THR A 11 36.93 27.83 0.52
CA THR A 11 37.70 27.29 1.62
C THR A 11 39.15 27.57 1.34
N THR A 12 39.98 27.27 2.33
CA THR A 12 41.43 27.39 2.15
C THR A 12 41.90 26.61 0.93
N SER A 13 41.33 25.44 0.76
CA SER A 13 41.65 24.58 -0.38
C SER A 13 41.07 25.00 -1.73
N GLY A 14 40.26 26.05 -1.77
CA GLY A 14 39.72 26.54 -3.03
C GLY A 14 38.30 26.12 -3.35
N ARG A 15 37.63 25.38 -2.46
CA ARG A 15 36.27 24.88 -2.74
C ARG A 15 35.26 25.99 -2.43
N GLU A 16 34.36 26.23 -3.38
CA GLU A 16 33.38 27.30 -3.25
C GLU A 16 32.25 26.96 -2.27
N TYR A 17 31.66 28.01 -1.72
CA TYR A 17 30.49 27.89 -0.86
C TYR A 17 29.84 29.23 -0.64
N LYS A 18 28.60 29.19 -0.19
CA LYS A 18 27.91 30.35 0.38
CA LYS A 18 28.02 30.32 0.50
C LYS A 18 26.94 29.83 1.43
N VAL A 19 27.17 30.14 2.69
CA VAL A 19 26.33 29.71 3.79
C VAL A 19 26.08 30.89 4.72
N LYS A 20 25.16 30.77 5.65
CA LYS A 20 24.88 31.82 6.60
CA LYS A 20 24.90 31.90 6.52
C LYS A 20 26.03 32.20 7.48
N ASP A 21 26.63 31.21 8.08
CA ASP A 21 27.54 31.40 9.19
CA ASP A 21 27.67 31.42 9.12
C ASP A 21 28.51 30.20 9.38
N MET A 22 29.70 30.31 8.85
CA MET A 22 30.69 29.26 8.96
CA MET A 22 30.65 29.24 8.90
C MET A 22 31.08 28.91 10.35
N SER A 23 30.86 29.82 11.29
CA SER A 23 31.21 29.55 12.66
C SER A 23 30.32 28.47 13.27
N GLN A 24 29.27 28.09 12.58
CA GLN A 24 28.41 27.03 13.09
CA GLN A 24 28.37 27.05 13.01
C GLN A 24 28.89 25.63 12.70
N ALA A 25 30.06 25.52 12.06
CA ALA A 25 30.50 24.23 11.57
C ALA A 25 30.76 23.23 12.70
N ASP A 26 31.33 23.67 13.83
CA ASP A 26 31.63 22.74 14.90
C ASP A 26 30.32 22.12 15.45
N PHE A 27 29.31 22.98 15.60
CA PHE A 27 27.99 22.50 16.06
C PHE A 27 27.36 21.54 15.04
N GLY A 28 27.46 21.90 13.77
CA GLY A 28 27.03 20.98 12.73
C GLY A 28 27.66 19.61 12.85
N ARG A 29 28.99 19.59 13.00
CA ARG A 29 29.71 18.35 13.12
C ARG A 29 29.22 17.53 14.32
N LEU A 30 28.97 18.16 15.46
CA LEU A 30 28.46 17.44 16.63
C LEU A 30 27.14 16.75 16.33
N GLU A 31 26.23 17.43 15.64
CA GLU A 31 24.97 16.81 15.35
C GLU A 31 25.05 15.81 14.23
N ILE A 32 25.96 15.98 13.29
CA ILE A 32 26.20 14.99 12.26
C ILE A 32 26.69 13.71 12.89
N GLU A 33 27.59 13.82 13.88
CA GLU A 33 28.12 12.65 14.58
C GLU A 33 26.99 11.83 15.21
N LEU A 34 26.00 12.51 15.77
CA LEU A 34 24.82 11.85 16.34
C LEU A 34 23.98 11.21 15.26
N ALA A 35 23.80 11.93 14.17
CA ALA A 35 22.95 11.45 13.09
C ALA A 35 23.51 10.18 12.48
N GLU A 36 24.82 10.10 12.36
CA GLU A 36 25.42 8.91 11.76
C GLU A 36 24.97 7.63 12.45
N VAL A 37 24.88 7.65 13.78
CA VAL A 37 24.46 6.51 14.54
C VAL A 37 23.01 6.12 14.22
N GLU A 38 22.19 7.14 13.92
CA GLU A 38 20.82 6.93 13.53
C GLU A 38 20.60 6.57 12.07
N MET A 39 21.67 6.49 11.28
CA MET A 39 21.54 6.29 9.85
C MET A 39 22.36 5.07 9.39
N PRO A 40 21.99 3.90 9.92
CA PRO A 40 22.81 2.71 9.62
C PRO A 40 22.86 2.35 8.16
N GLY A 41 21.83 2.66 7.37
CA GLY A 41 21.89 2.34 5.96
C GLY A 41 22.99 3.11 5.23
N LEU A 42 23.11 4.38 5.57
CA LEU A 42 24.20 5.21 5.02
C LEU A 42 25.55 4.73 5.47
N MET A 43 25.67 4.44 6.76
CA MET A 43 26.96 4.02 7.28
C MET A 43 27.34 2.65 6.71
N ALA A 44 26.38 1.77 6.53
CA ALA A 44 26.67 0.47 5.91
C ALA A 44 27.11 0.66 4.47
N SER A 45 26.52 1.61 3.77
CA SER A 45 26.90 1.90 2.41
C SER A 45 28.36 2.38 2.37
N ARG A 46 28.75 3.18 3.31
CA ARG A 46 30.13 3.62 3.36
C ARG A 46 31.07 2.43 3.58
N SER A 47 30.73 1.53 4.48
CA SER A 47 31.55 0.35 4.74
CA SER A 47 31.60 0.39 4.73
C SER A 47 31.62 -0.58 3.54
N GLU A 48 30.51 -0.81 2.90
CA GLU A 48 30.45 -1.75 1.77
C GLU A 48 31.23 -1.22 0.57
N PHE A 49 31.04 0.07 0.27
CA PHE A 49 31.52 0.62 -1.00
C PHE A 49 32.75 1.50 -0.83
N GLY A 50 33.10 1.88 0.39
CA GLY A 50 34.30 2.69 0.61
C GLY A 50 35.57 2.17 -0.09
N PRO A 51 35.85 0.88 0.07
CA PRO A 51 37.10 0.32 -0.48
C PRO A 51 37.24 0.53 -1.99
N SER A 52 36.16 0.34 -2.72
CA SER A 52 36.15 0.43 -4.17
C SER A 52 36.00 1.83 -4.69
N GLN A 53 35.69 2.82 -3.86
CA GLN A 53 35.59 4.19 -4.29
C GLN A 53 34.85 4.31 -5.60
N PRO A 54 33.59 3.83 -5.63
CA PRO A 54 32.83 3.81 -6.90
C PRO A 54 32.55 5.17 -7.50
N PHE A 55 32.55 6.23 -6.69
CA PHE A 55 32.30 7.57 -7.19
C PHE A 55 33.61 8.38 -7.41
N LYS A 56 34.79 7.72 -7.32
CA LYS A 56 36.03 8.41 -7.64
CA LYS A 56 36.05 8.31 -7.74
C LYS A 56 35.86 8.99 -9.04
N GLY A 57 36.22 10.24 -9.15
CA GLY A 57 36.15 10.94 -10.39
C GLY A 57 34.79 11.49 -10.80
N ALA A 58 33.78 11.24 -10.00
CA ALA A 58 32.44 11.72 -10.31
C ALA A 58 32.17 13.10 -9.68
N LYS A 59 31.38 13.86 -10.40
CA LYS A 59 30.91 15.21 -9.98
C LYS A 59 29.39 15.18 -9.79
N ILE A 60 28.92 15.37 -8.58
CA ILE A 60 27.52 15.23 -8.26
C ILE A 60 26.98 16.57 -7.74
N THR A 61 25.91 17.02 -8.39
CA THR A 61 25.12 18.17 -7.90
C THR A 61 23.87 17.67 -7.22
N GLY A 62 23.61 18.16 -6.01
CA GLY A 62 22.37 17.85 -5.31
C GLY A 62 21.61 19.04 -4.87
N SER A 63 20.29 18.93 -4.95
N SER A 63 20.35 18.75 -4.44
CA SER A 63 19.37 20.03 -4.69
CA SER A 63 19.41 19.81 -3.94
C SER A 63 18.28 19.46 -3.83
C SER A 63 18.52 19.25 -2.84
N LEU A 64 18.64 19.29 -2.58
N LEU A 64 18.83 18.05 -2.32
CA LEU A 64 17.90 18.50 -1.59
CA LEU A 64 18.13 17.64 -1.07
C LEU A 64 18.07 19.21 -0.26
C LEU A 64 18.23 18.77 -0.03
N HIS A 65 17.11 19.09 0.67
CA HIS A 65 17.10 20.04 1.75
C HIS A 65 18.39 19.93 2.53
N MET A 66 19.02 21.03 2.83
CA MET A 66 20.35 21.03 3.44
C MET A 66 20.27 20.93 4.97
N THR A 67 19.89 19.74 5.39
CA THR A 67 19.72 19.37 6.77
C THR A 67 20.90 18.51 7.26
N ILE A 68 20.89 18.21 8.56
CA ILE A 68 21.83 17.28 9.13
C ILE A 68 21.74 15.93 8.43
N GLN A 69 20.54 15.50 8.09
CA GLN A 69 20.34 14.24 7.40
C GLN A 69 21.00 14.19 6.04
N THR A 70 20.79 15.30 5.30
CA THR A 70 21.42 15.43 4.00
C THR A 70 22.93 15.51 4.15
N ALA A 71 23.46 16.10 5.21
CA ALA A 71 24.89 16.11 5.42
C ALA A 71 25.44 14.71 5.46
N VAL A 72 24.77 13.78 6.15
CA VAL A 72 25.20 12.39 6.19
C VAL A 72 25.17 11.76 4.81
N LEU A 73 24.17 12.06 4.03
CA LEU A 73 24.11 11.62 2.65
CA LEU A 73 24.11 11.62 2.63
C LEU A 73 25.30 12.16 1.84
N ILE A 74 25.54 13.47 1.93
CA ILE A 74 26.66 14.07 1.17
C ILE A 74 27.98 13.41 1.53
N GLU A 75 28.19 13.19 2.82
CA GLU A 75 29.42 12.61 3.33
C GLU A 75 29.51 11.11 3.05
N THR A 76 28.42 10.48 2.67
CA THR A 76 28.47 9.14 2.11
C THR A 76 28.93 9.19 0.67
N LEU A 77 28.38 10.11 -0.12
CA LEU A 77 28.85 10.30 -1.51
C LEU A 77 30.35 10.59 -1.53
N THR A 78 30.81 11.49 -0.66
CA THR A 78 32.22 11.84 -0.64
C THR A 78 33.10 10.68 -0.09
N ALA A 79 32.61 9.96 0.90
CA ALA A 79 33.32 8.78 1.38
C ALA A 79 33.53 7.76 0.31
N LEU A 80 32.67 7.75 -0.68
CA LEU A 80 32.67 6.82 -1.81
CA LEU A 80 32.75 6.81 -1.77
C LEU A 80 33.45 7.40 -3.01
N GLY A 81 33.96 8.61 -2.86
CA GLY A 81 34.88 9.22 -3.81
C GLY A 81 34.37 10.40 -4.57
N ALA A 82 33.09 10.75 -4.43
CA ALA A 82 32.50 11.83 -5.23
C ALA A 82 33.01 13.18 -4.83
N GLU A 83 33.11 14.10 -5.78
N GLU A 83 33.01 14.05 -5.86
CA GLU A 83 33.22 15.51 -5.44
CA GLU A 83 33.05 15.53 -5.71
C GLU A 83 31.80 16.05 -5.61
C GLU A 83 31.65 16.03 -5.68
N VAL A 84 31.34 16.92 -4.71
CA VAL A 84 29.91 17.27 -4.57
C VAL A 84 29.76 18.77 -4.52
N ARG A 85 28.67 19.25 -5.18
CA ARG A 85 28.16 20.62 -5.01
C ARG A 85 26.68 20.51 -4.63
N TRP A 86 26.22 21.39 -3.77
CA TRP A 86 24.88 21.26 -3.22
C TRP A 86 24.19 22.59 -3.04
N CYS A 87 22.85 22.51 -3.10
CA CYS A 87 21.99 23.60 -2.68
C CYS A 87 20.77 23.00 -1.98
N SER A 88 20.01 23.80 -1.26
CA SER A 88 18.73 23.34 -0.76
C SER A 88 17.64 23.48 -1.77
N CYS A 89 16.60 22.68 -1.70
CA CYS A 89 15.47 22.80 -2.58
C CYS A 89 14.30 23.58 -1.93
N ASN A 90 14.54 24.27 -0.84
CA ASN A 90 13.52 25.10 -0.21
C ASN A 90 14.20 26.25 0.48
N ILE A 91 13.58 27.44 0.44
CA ILE A 91 14.15 28.62 1.03
C ILE A 91 14.23 28.61 2.54
N PHE A 92 13.47 27.74 3.22
CA PHE A 92 13.47 27.72 4.69
C PHE A 92 14.00 26.43 5.27
N SER A 93 14.43 25.45 4.45
CA SER A 93 14.69 24.10 4.99
C SER A 93 16.12 23.88 5.44
N THR A 94 17.05 24.73 5.04
CA THR A 94 18.42 24.56 5.45
C THR A 94 18.57 24.65 6.94
N GLN A 95 19.37 23.75 7.50
CA GLN A 95 19.89 23.85 8.85
C GLN A 95 21.28 24.47 8.72
N ASP A 96 21.47 25.70 9.18
CA ASP A 96 22.68 26.43 8.88
C ASP A 96 23.94 25.75 9.42
N HIS A 97 23.82 25.04 10.54
CA HIS A 97 25.00 24.38 11.10
C HIS A 97 25.41 23.16 10.22
N ALA A 98 24.41 22.47 9.64
CA ALA A 98 24.70 21.39 8.71
C ALA A 98 25.41 21.95 7.46
N ALA A 99 24.89 23.04 6.92
CA ALA A 99 25.49 23.63 5.77
C ALA A 99 26.93 24.03 6.03
N ALA A 100 27.17 24.66 7.16
CA ALA A 100 28.52 25.09 7.53
C ALA A 100 29.49 23.93 7.64
N ALA A 101 29.08 22.86 8.31
CA ALA A 101 29.97 21.73 8.47
C ALA A 101 30.32 21.15 7.12
N ILE A 102 29.34 20.98 6.26
CA ILE A 102 29.59 20.42 4.95
C ILE A 102 30.50 21.37 4.14
N ALA A 103 30.22 22.66 4.12
CA ALA A 103 31.04 23.64 3.41
C ALA A 103 32.48 23.61 3.88
N ARG A 104 32.70 23.42 5.17
CA ARG A 104 34.01 23.42 5.74
C ARG A 104 34.77 22.12 5.39
N ASP A 105 34.08 20.99 5.52
CA ASP A 105 34.74 19.70 5.57
C ASP A 105 34.63 18.87 4.34
N SER A 106 33.59 19.04 3.52
CA SER A 106 33.22 17.99 2.57
C SER A 106 32.80 18.38 1.18
N ALA A 107 32.08 19.48 1.00
CA ALA A 107 31.46 19.73 -0.33
C ALA A 107 31.14 21.21 -0.45
N ALA A 108 31.06 21.65 -1.70
CA ALA A 108 30.59 23.01 -1.97
C ALA A 108 29.08 23.05 -1.66
N VAL A 109 28.68 24.01 -0.81
N VAL A 109 28.64 24.10 -1.01
CA VAL A 109 27.26 24.23 -0.38
CA VAL A 109 27.24 24.21 -0.72
C VAL A 109 26.86 25.67 -0.65
C VAL A 109 26.85 25.65 -0.68
N PHE A 110 25.69 25.88 -1.26
CA PHE A 110 25.13 27.21 -1.43
C PHE A 110 23.74 27.12 -0.86
N ALA A 111 23.62 27.46 0.41
CA ALA A 111 22.36 27.25 1.13
C ALA A 111 22.33 27.98 2.45
N TRP A 112 21.18 28.59 2.79
CA TRP A 112 20.95 29.16 4.12
C TRP A 112 19.49 29.18 4.39
N LYS A 113 19.13 29.19 5.65
CA LYS A 113 17.74 29.28 6.05
C LYS A 113 17.28 30.70 5.83
N GLY A 114 16.15 30.87 5.19
CA GLY A 114 15.60 32.20 4.95
C GLY A 114 16.15 32.88 3.71
N GLU A 115 16.39 32.11 2.67
CA GLU A 115 16.71 32.69 1.37
C GLU A 115 15.51 33.44 0.80
N THR A 116 15.80 34.44 -0.03
CA THR A 116 14.81 34.97 -0.94
C THR A 116 14.73 34.07 -2.17
N LEU A 117 13.70 34.21 -3.00
CA LEU A 117 13.60 33.38 -4.19
C LEU A 117 14.73 33.69 -5.17
N GLN A 118 15.15 34.94 -5.28
CA GLN A 118 16.31 35.20 -6.13
CA GLN A 118 16.35 35.32 -6.08
C GLN A 118 17.52 34.49 -5.62
N GLU A 119 17.72 34.50 -4.33
CA GLU A 119 18.87 33.81 -3.74
C GLU A 119 18.77 32.30 -3.99
N TYR A 120 17.57 31.77 -3.83
CA TYR A 120 17.34 30.32 -4.05
C TYR A 120 17.81 29.90 -5.42
N TRP A 121 17.38 30.67 -6.42
CA TRP A 121 17.76 30.34 -7.79
C TRP A 121 19.25 30.59 -8.09
N TRP A 122 19.85 31.58 -7.49
CA TRP A 122 21.27 31.80 -7.58
C TRP A 122 21.99 30.55 -7.00
N CYS A 123 21.54 30.08 -5.83
CA CYS A 123 22.19 28.90 -5.24
C CYS A 123 22.08 27.67 -6.13
N THR A 124 20.96 27.54 -6.81
CA THR A 124 20.74 26.45 -7.74
C THR A 124 21.74 26.53 -8.89
N GLU A 125 21.89 27.71 -9.43
CA GLU A 125 22.89 27.92 -10.46
C GLU A 125 24.29 27.60 -10.00
N ARG A 126 24.60 28.02 -8.79
CA ARG A 126 25.90 27.75 -8.24
C ARG A 126 26.16 26.28 -8.04
N ALA A 127 25.16 25.55 -7.55
CA ALA A 127 25.35 24.11 -7.35
C ALA A 127 25.58 23.38 -8.68
N LEU A 128 25.01 23.89 -9.76
CA LEU A 128 25.24 23.33 -11.08
C LEU A 128 26.50 23.79 -11.80
N ASP A 129 27.17 24.78 -11.23
CA ASP A 129 28.28 25.47 -11.92
C ASP A 129 29.58 24.82 -11.57
N TRP A 130 30.02 23.89 -12.41
CA TRP A 130 31.27 23.16 -12.21
C TRP A 130 32.45 23.82 -12.90
N GLY A 131 32.21 25.05 -13.39
CA GLY A 131 33.24 25.82 -14.05
C GLY A 131 33.44 25.28 -15.42
N PRO A 132 34.52 25.77 -16.07
CA PRO A 132 34.65 25.52 -17.52
C PRO A 132 34.88 24.07 -17.92
N GLY A 133 35.46 23.28 -17.03
CA GLY A 133 35.63 21.88 -17.24
C GLY A 133 34.33 21.08 -17.33
N GLY A 134 33.23 21.60 -16.78
CA GLY A 134 31.97 20.87 -16.98
C GLY A 134 31.52 19.99 -15.80
N GLY A 135 30.27 19.60 -15.91
CA GLY A 135 29.58 18.86 -14.88
C GLY A 135 28.21 19.44 -14.71
N PRO A 136 27.39 18.80 -13.90
CA PRO A 136 27.69 17.57 -13.14
C PRO A 136 27.59 16.33 -14.01
N ASP A 137 28.16 15.26 -13.51
CA ASP A 137 27.92 13.94 -14.06
C ASP A 137 26.58 13.38 -13.57
N LEU A 138 26.22 13.66 -12.33
CA LEU A 138 25.06 13.08 -11.67
C LEU A 138 24.30 14.16 -10.95
N ILE A 139 22.98 14.03 -10.89
CA ILE A 139 22.16 14.96 -10.12
C ILE A 139 21.26 14.20 -9.13
N VAL A 140 21.21 14.71 -7.93
CA VAL A 140 20.27 14.26 -6.88
C VAL A 140 19.28 15.43 -6.73
N ASP A 141 18.00 15.19 -7.00
CA ASP A 141 17.02 16.27 -7.03
C ASP A 141 15.88 15.97 -6.06
N ASP A 142 15.25 17.00 -5.57
CA ASP A 142 14.10 16.89 -4.67
C ASP A 142 13.10 17.98 -5.05
N GLY A 143 12.08 17.59 -5.79
CA GLY A 143 11.04 18.46 -6.25
C GLY A 143 11.22 18.89 -7.68
N GLY A 144 12.36 18.61 -8.28
CA GLY A 144 12.54 18.82 -9.68
C GLY A 144 13.01 20.17 -10.18
N ASP A 145 13.36 21.09 -9.28
CA ASP A 145 13.73 22.43 -9.77
C ASP A 145 15.05 22.43 -10.56
N THR A 146 16.05 21.68 -10.15
CA THR A 146 17.29 21.63 -10.90
C THR A 146 17.08 20.99 -12.26
N THR A 147 16.30 19.90 -12.31
CA THR A 147 15.92 19.27 -13.51
C THR A 147 15.16 20.24 -14.43
N LEU A 148 14.23 20.99 -13.88
CA LEU A 148 13.46 22.02 -14.57
CA LEU A 148 13.46 21.99 -14.60
C LEU A 148 14.37 23.04 -15.24
N LEU A 149 15.30 23.57 -14.46
CA LEU A 149 16.17 24.61 -14.97
C LEU A 149 16.95 24.09 -16.18
N ILE A 150 17.45 22.88 -16.13
CA ILE A 150 18.19 22.35 -17.24
C ILE A 150 17.34 22.17 -18.50
N HIS A 151 16.14 21.63 -18.30
CA HIS A 151 15.22 21.41 -19.42
C HIS A 151 14.73 22.73 -20.02
N GLU A 152 14.34 23.68 -19.19
CA GLU A 152 13.96 24.98 -19.67
C GLU A 152 15.13 25.66 -20.36
N GLY A 153 16.29 25.47 -19.82
CA GLY A 153 17.50 26.09 -20.38
C GLY A 153 17.76 25.55 -21.77
N VAL A 154 17.70 24.24 -21.97
CA VAL A 154 17.92 23.64 -23.28
C VAL A 154 16.90 24.19 -24.27
N LYS A 155 15.68 24.25 -23.88
CA LYS A 155 14.63 24.74 -24.76
C LYS A 155 14.90 26.19 -25.21
N ALA A 156 15.25 27.03 -24.24
CA ALA A 156 15.58 28.40 -24.55
C ALA A 156 16.79 28.52 -25.47
N GLU A 157 17.77 27.67 -25.25
CA GLU A 157 18.98 27.66 -26.07
C GLU A 157 18.67 27.28 -27.50
N GLU A 158 17.74 26.37 -27.71
CA GLU A 158 17.44 25.97 -29.07
CA GLU A 158 17.26 25.95 -29.06
C GLU A 158 16.76 27.15 -29.82
N ILE A 159 15.87 27.88 -29.20
CA ILE A 159 15.24 29.03 -29.78
C ILE A 159 16.25 30.12 -30.05
N TYR A 160 17.10 30.40 -29.07
CA TYR A 160 18.07 31.47 -29.16
C TYR A 160 19.05 31.24 -30.32
N GLU A 161 19.53 30.02 -30.42
CA GLU A 161 20.46 29.65 -31.47
C GLU A 161 19.95 30.00 -32.91
N LYS A 162 18.63 29.92 -33.10
CA LYS A 162 17.96 30.13 -34.42
CA LYS A 162 18.08 30.16 -34.43
C LYS A 162 17.62 31.60 -34.65
N SER A 163 16.83 32.16 -33.73
CA SER A 163 16.20 33.47 -33.93
CA SER A 163 16.19 33.46 -33.89
C SER A 163 16.79 34.54 -33.09
N GLY A 164 17.64 34.15 -32.13
CA GLY A 164 18.21 35.10 -31.18
C GLY A 164 17.19 35.56 -30.14
N GLN A 165 16.01 34.90 -30.09
CA GLN A 165 14.98 35.27 -29.11
C GLN A 165 15.38 34.82 -27.72
N PHE A 166 15.14 35.70 -26.78
CA PHE A 166 15.35 35.42 -25.36
C PHE A 166 14.05 35.07 -24.69
N PRO A 167 14.11 34.30 -23.58
CA PRO A 167 12.97 34.17 -22.67
C PRO A 167 12.57 35.53 -22.27
N ASP A 168 11.27 35.70 -22.09
CA ASP A 168 10.70 36.96 -21.66
CA ASP A 168 10.75 36.95 -21.62
C ASP A 168 9.89 36.73 -20.40
N PRO A 169 10.30 37.32 -19.26
CA PRO A 169 9.50 37.08 -18.03
C PRO A 169 8.03 37.52 -18.13
N ASP A 170 7.76 38.42 -19.04
CA ASP A 170 6.37 38.87 -19.26
C ASP A 170 5.48 37.71 -19.75
N SER A 171 6.07 36.62 -20.20
CA SER A 171 5.28 35.50 -20.73
CA SER A 171 5.36 35.44 -20.72
C SER A 171 4.64 34.66 -19.62
N THR A 172 4.99 34.93 -18.36
CA THR A 172 4.42 34.22 -17.19
C THR A 172 3.93 35.19 -16.14
N ASP A 173 2.84 34.81 -15.47
CA ASP A 173 2.30 35.62 -14.43
C ASP A 173 2.79 35.11 -13.09
N ASN A 174 3.55 34.02 -13.14
CA ASN A 174 4.11 33.37 -11.94
C ASN A 174 5.40 34.09 -11.52
N ALA A 175 5.40 34.72 -10.35
CA ALA A 175 6.47 35.63 -9.97
C ALA A 175 7.81 34.85 -9.92
N GLU A 176 7.75 33.60 -9.47
CA GLU A 176 8.95 32.82 -9.32
C GLU A 176 9.45 32.36 -10.68
N PHE A 177 8.55 31.95 -11.57
CA PHE A 177 8.99 31.54 -12.91
C PHE A 177 9.55 32.74 -13.70
N LYS A 178 9.12 33.96 -13.42
CA LYS A 178 9.80 35.13 -13.98
C LYS A 178 11.28 35.16 -13.61
N ILE A 179 11.57 34.78 -12.37
CA ILE A 179 12.93 34.70 -11.91
C ILE A 179 13.72 33.70 -12.75
N VAL A 180 13.13 32.54 -12.94
CA VAL A 180 13.76 31.48 -13.69
C VAL A 180 14.03 31.94 -15.15
N LEU A 181 13.03 32.51 -15.79
CA LEU A 181 13.22 32.95 -17.15
C LEU A 181 14.27 34.04 -17.25
N SER A 182 14.30 34.94 -16.27
CA SER A 182 15.34 35.94 -16.28
C SER A 182 16.74 35.39 -16.09
N ILE A 183 16.89 34.36 -15.26
CA ILE A 183 18.18 33.72 -15.11
C ILE A 183 18.60 32.97 -16.37
N ILE A 184 17.66 32.38 -17.07
CA ILE A 184 17.98 31.72 -18.31
C ILE A 184 18.39 32.77 -19.36
N LYS A 185 17.68 33.87 -19.41
CA LYS A 185 18.07 34.93 -20.33
C LYS A 185 19.48 35.41 -20.05
N GLU A 186 19.79 35.67 -18.79
CA GLU A 186 21.10 36.14 -18.45
C GLU A 186 22.16 35.13 -18.83
N GLY A 187 21.86 33.86 -18.68
CA GLY A 187 22.81 32.84 -19.03
C GLY A 187 23.03 32.73 -20.52
N LEU A 188 22.03 33.01 -21.33
CA LEU A 188 22.21 33.00 -22.79
C LEU A 188 23.21 34.08 -23.19
N LYS A 189 23.20 35.18 -22.46
CA LYS A 189 24.03 36.33 -22.74
C LYS A 189 25.48 36.11 -22.36
N THR A 190 25.78 34.98 -21.70
CA THR A 190 27.16 34.60 -21.38
CA THR A 190 27.12 34.58 -21.31
C THR A 190 27.58 33.32 -22.07
N ASP A 191 26.75 32.28 -22.05
CA ASP A 191 27.07 31.00 -22.68
C ASP A 191 25.82 30.35 -23.21
N PRO A 192 25.53 30.53 -24.52
CA PRO A 192 24.26 30.06 -25.06
C PRO A 192 24.16 28.53 -25.24
N LYS A 193 25.18 27.83 -24.83
CA LYS A 193 25.14 26.36 -24.87
C LYS A 193 25.44 25.72 -23.47
N ARG A 194 25.36 26.53 -22.42
CA ARG A 194 25.54 26.02 -21.08
C ARG A 194 24.77 24.73 -20.80
N TYR A 195 23.48 24.76 -21.07
CA TYR A 195 22.65 23.60 -20.73
C TYR A 195 22.74 22.46 -21.71
N HIS A 196 22.96 22.80 -22.98
CA HIS A 196 23.31 21.74 -23.93
C HIS A 196 24.51 20.94 -23.50
N LYS A 197 25.56 21.61 -23.15
CA LYS A 197 26.80 20.95 -22.75
C LYS A 197 26.51 20.14 -21.49
N MET A 198 25.72 20.72 -20.58
CA MET A 198 25.41 20.06 -19.33
C MET A 198 24.66 18.76 -19.57
N LYS A 199 23.62 18.84 -20.38
CA LYS A 199 22.77 17.69 -20.55
C LYS A 199 23.51 16.57 -21.24
N ASP A 200 24.53 16.89 -22.02
CA ASP A 200 25.24 15.87 -22.78
C ASP A 200 26.18 15.10 -21.87
N ARG A 201 26.40 15.63 -20.68
CA ARG A 201 27.31 15.01 -19.72
C ARG A 201 26.61 14.34 -18.57
N VAL A 202 25.39 14.80 -18.30
CA VAL A 202 24.61 14.21 -17.20
C VAL A 202 24.28 12.75 -17.51
N VAL A 203 24.73 11.86 -16.64
CA VAL A 203 24.46 10.42 -16.70
C VAL A 203 23.02 10.14 -16.24
N GLY A 204 22.52 10.86 -15.24
CA GLY A 204 21.13 10.72 -14.84
C GLY A 204 20.85 11.54 -13.60
N VAL A 205 19.58 11.56 -13.27
CA VAL A 205 19.07 12.19 -12.05
C VAL A 205 18.32 11.19 -11.21
N SER A 206 18.46 11.30 -9.88
CA SER A 206 17.59 10.53 -8.96
C SER A 206 16.75 11.55 -8.21
N GLU A 207 15.44 11.33 -8.18
CA GLU A 207 14.45 12.27 -7.65
C GLU A 207 13.75 11.76 -6.37
N GLU A 208 13.79 12.59 -5.36
CA GLU A 208 13.33 12.29 -4.01
C GLU A 208 11.81 12.19 -3.82
N THR A 209 11.03 13.06 -4.43
CA THR A 209 9.70 13.30 -3.89
C THR A 209 8.64 13.22 -4.92
N THR A 210 7.40 12.99 -4.44
CA THR A 210 6.23 12.73 -5.28
C THR A 210 6.06 13.80 -6.34
N THR A 211 6.11 15.07 -5.94
CA THR A 211 5.93 16.15 -6.91
C THR A 211 7.01 16.16 -7.98
N GLY A 212 8.24 15.91 -7.58
CA GLY A 212 9.30 15.83 -8.57
C GLY A 212 9.12 14.70 -9.54
N VAL A 213 8.64 13.54 -9.06
CA VAL A 213 8.45 12.41 -9.91
C VAL A 213 7.29 12.68 -10.85
N LYS A 214 6.27 13.41 -10.40
CA LYS A 214 5.18 13.81 -11.26
C LYS A 214 5.77 14.60 -12.45
N ARG A 215 6.68 15.53 -12.14
CA ARG A 215 7.30 16.36 -13.19
C ARG A 215 8.08 15.48 -14.16
N LEU A 216 8.74 14.45 -13.64
CA LEU A 216 9.50 13.57 -14.54
C LEU A 216 8.64 12.79 -15.47
N TYR A 217 7.53 12.26 -14.94
CA TYR A 217 6.66 11.41 -15.75
C TYR A 217 6.03 12.32 -16.81
N GLN A 218 5.76 13.59 -16.51
CA GLN A 218 5.21 14.55 -17.49
C GLN A 218 6.27 14.69 -18.65
N MET A 219 7.55 14.85 -18.31
CA MET A 219 8.60 14.99 -19.33
C MET A 219 8.83 13.73 -20.12
N GLN A 220 8.70 12.58 -19.50
CA GLN A 220 8.72 11.32 -20.20
CA GLN A 220 8.82 11.38 -20.29
C GLN A 220 7.62 11.27 -21.25
N ALA A 221 6.42 11.62 -20.78
CA ALA A 221 5.19 11.45 -21.60
C ALA A 221 5.25 12.41 -22.79
N ASN A 222 5.94 13.54 -22.67
CA ASN A 222 5.92 14.48 -23.77
C ASN A 222 7.20 14.46 -24.60
N GLY A 223 8.04 13.48 -24.29
CA GLY A 223 9.27 13.23 -24.99
C GLY A 223 10.39 14.24 -24.79
N THR A 224 10.33 15.01 -23.71
CA THR A 224 11.30 16.06 -23.48
C THR A 224 12.40 15.65 -22.49
N LEU A 225 12.21 14.55 -21.77
CA LEU A 225 13.19 14.18 -20.74
C LEU A 225 14.55 13.95 -21.41
N LEU A 226 15.58 14.60 -20.88
CA LEU A 226 16.90 14.63 -21.53
C LEU A 226 17.90 13.52 -21.12
N PHE A 227 17.62 12.82 -20.03
CA PHE A 227 18.53 11.84 -19.46
C PHE A 227 17.72 10.90 -18.60
N PRO A 228 18.32 9.73 -18.28
CA PRO A 228 17.67 8.80 -17.37
C PRO A 228 17.36 9.40 -16.03
N ALA A 229 16.29 8.90 -15.44
CA ALA A 229 15.83 9.30 -14.11
C ALA A 229 15.45 8.09 -13.30
N ILE A 230 15.91 8.06 -12.06
CA ILE A 230 15.38 7.09 -11.12
CA ILE A 230 15.46 7.08 -11.05
C ILE A 230 14.48 7.78 -10.12
N ASN A 231 13.26 7.24 -10.03
CA ASN A 231 12.23 7.63 -9.09
C ASN A 231 12.52 6.93 -7.79
N VAL A 232 13.14 7.67 -6.88
CA VAL A 232 13.45 7.20 -5.52
C VAL A 232 12.20 7.25 -4.64
N ASN A 233 11.34 8.24 -4.85
CA ASN A 233 10.14 8.35 -4.03
C ASN A 233 9.38 7.04 -3.92
N ASP A 234 9.26 6.36 -5.03
CA ASP A 234 8.39 5.19 -5.11
CA ASP A 234 8.41 5.18 -5.10
C ASP A 234 9.07 3.86 -4.80
N SER A 235 10.28 3.87 -4.30
CA SER A 235 10.74 2.71 -3.54
C SER A 235 9.76 2.54 -2.39
N VAL A 236 9.47 1.32 -2.01
CA VAL A 236 8.62 1.07 -0.88
C VAL A 236 9.22 1.68 0.37
N THR A 237 10.53 1.48 0.50
CA THR A 237 11.30 1.96 1.67
C THR A 237 11.50 3.46 1.68
N LYS A 238 10.95 4.18 0.72
CA LYS A 238 10.90 5.65 0.73
C LYS A 238 9.41 6.03 0.95
N SER A 239 8.55 5.88 -0.05
CA SER A 239 7.13 6.29 0.05
C SER A 239 6.40 5.81 1.28
N LYS A 240 6.58 4.56 1.68
CA LYS A 240 5.78 4.08 2.78
CA LYS A 240 5.86 3.94 2.78
C LYS A 240 6.46 4.20 4.15
N PHE A 241 7.56 4.91 4.16
CA PHE A 241 8.30 5.17 5.39
C PHE A 241 8.45 6.68 5.55
N ASP A 242 9.28 7.30 4.77
CA ASP A 242 9.49 8.75 4.85
C ASP A 242 8.17 9.51 4.74
N ASN A 243 7.40 9.29 3.68
CA ASN A 243 6.27 10.14 3.43
C ASN A 243 5.24 10.03 4.55
N LEU A 244 5.09 8.78 5.06
CA LEU A 244 4.10 8.39 6.09
C LEU A 244 4.66 8.67 7.47
N TYR A 245 5.64 7.86 7.92
N TYR A 245 5.63 7.89 7.90
CA TYR A 245 6.17 7.95 9.28
CA TYR A 245 6.10 7.99 9.25
C TYR A 245 6.97 9.20 9.47
C TYR A 245 7.02 9.18 9.49
N GLY A 246 7.66 9.67 8.44
CA GLY A 246 8.41 10.90 8.61
C GLY A 246 7.49 12.10 8.92
N CYS A 247 6.41 12.21 8.20
CA CYS A 247 5.47 13.30 8.52
C CYS A 247 4.74 13.09 9.83
N ARG A 248 4.50 11.83 10.21
CA ARG A 248 3.92 11.56 11.51
C ARG A 248 4.80 12.13 12.65
N HIS A 249 6.11 12.16 12.43
CA HIS A 249 7.04 12.81 13.33
C HIS A 249 7.08 14.34 13.13
N SER A 250 7.32 14.78 11.90
CA SER A 250 7.72 16.17 11.70
C SER A 250 6.58 17.17 11.55
N LEU A 251 5.37 16.69 11.28
CA LEU A 251 4.20 17.59 11.32
CA LEU A 251 4.19 17.56 11.31
C LEU A 251 3.96 18.13 12.72
N PRO A 252 3.82 17.26 13.75
CA PRO A 252 3.58 17.85 15.06
C PRO A 252 4.78 18.65 15.53
N ASP A 253 5.98 18.25 15.17
CA ASP A 253 7.16 19.01 15.56
C ASP A 253 7.06 20.44 14.98
N GLY A 254 6.75 20.56 13.70
CA GLY A 254 6.58 21.89 13.15
C GLY A 254 5.49 22.71 13.84
N LEU A 255 4.36 22.07 14.13
CA LEU A 255 3.30 22.81 14.79
C LEU A 255 3.72 23.28 16.16
N MET A 256 4.34 22.40 16.93
CA MET A 256 4.70 22.74 18.29
CA MET A 256 4.74 22.73 18.29
C MET A 256 5.77 23.81 18.30
N ARG A 257 6.83 23.69 17.50
CA ARG A 257 7.82 24.72 17.55
C ARG A 257 7.30 26.07 17.10
N ALA A 258 6.45 26.07 16.06
CA ALA A 258 6.03 27.32 15.47
C ALA A 258 5.03 28.07 16.32
N THR A 259 4.23 27.37 17.06
CA THR A 259 3.07 27.93 17.73
C THR A 259 2.89 27.54 19.17
N ASP A 260 3.48 26.42 19.59
CA ASP A 260 3.28 25.87 20.90
C ASP A 260 1.82 25.55 21.19
N VAL A 261 0.98 25.44 20.17
CA VAL A 261 -0.45 25.22 20.42
C VAL A 261 -0.69 23.80 20.92
N MET A 262 -1.65 23.66 21.83
CA MET A 262 -2.10 22.31 22.18
C MET A 262 -2.87 21.76 21.00
N ILE A 263 -2.50 20.55 20.56
CA ILE A 263 -3.20 19.83 19.52
C ILE A 263 -4.40 19.07 20.08
N ALA A 264 -4.20 18.48 21.26
CA ALA A 264 -5.29 17.77 21.92
C ALA A 264 -6.46 18.68 22.09
N GLY A 265 -7.63 18.14 21.83
CA GLY A 265 -8.86 18.88 21.99
C GLY A 265 -9.30 19.71 20.82
N LYS A 266 -8.42 19.90 19.83
CA LYS A 266 -8.70 20.73 18.67
C LYS A 266 -9.34 19.90 17.54
N VAL A 267 -9.84 20.63 16.57
CA VAL A 267 -10.26 20.10 15.28
C VAL A 267 -9.16 20.45 14.27
N ALA A 268 -8.68 19.44 13.55
CA ALA A 268 -7.65 19.64 12.56
C ALA A 268 -8.13 19.08 11.24
N VAL A 269 -7.92 19.84 10.17
CA VAL A 269 -8.22 19.43 8.84
C VAL A 269 -6.95 19.07 8.10
N VAL A 270 -6.95 17.86 7.53
CA VAL A 270 -5.87 17.41 6.67
C VAL A 270 -6.43 17.29 5.28
N ALA A 271 -5.96 18.12 4.38
CA ALA A 271 -6.35 18.07 2.98
C ALA A 271 -5.44 17.08 2.28
N GLY A 272 -6.03 16.01 1.77
CA GLY A 272 -5.31 14.90 1.18
C GLY A 272 -5.08 13.77 2.17
N TYR A 273 -5.10 12.56 1.64
CA TYR A 273 -4.93 11.36 2.43
C TYR A 273 -4.17 10.33 1.64
N GLY A 274 -3.12 10.81 0.97
CA GLY A 274 -2.09 9.95 0.39
C GLY A 274 -1.08 9.61 1.50
N ASP A 275 0.17 9.33 1.14
CA ASP A 275 1.11 8.95 2.17
C ASP A 275 1.35 10.04 3.21
N VAL A 276 1.55 11.24 2.72
CA VAL A 276 1.77 12.38 3.62
C VAL A 276 0.53 12.66 4.47
N GLY A 277 -0.63 12.71 3.85
CA GLY A 277 -1.86 12.98 4.61
C GLY A 277 -2.15 11.88 5.61
N LYS A 278 -1.89 10.62 5.27
CA LYS A 278 -2.03 9.54 6.21
C LYS A 278 -1.18 9.77 7.44
N GLY A 279 0.08 10.14 7.25
CA GLY A 279 0.99 10.36 8.35
C GLY A 279 0.62 11.57 9.18
N CYS A 280 0.21 12.65 8.51
CA CYS A 280 -0.22 13.83 9.24
C CYS A 280 -1.47 13.59 10.06
N ALA A 281 -2.47 12.93 9.45
CA ALA A 281 -3.70 12.59 10.16
C ALA A 281 -3.41 11.68 11.33
N ALA A 282 -2.51 10.74 11.17
CA ALA A 282 -2.13 9.84 12.27
C ALA A 282 -1.57 10.66 13.42
N ALA A 283 -0.60 11.54 13.12
CA ALA A 283 -0.04 12.35 14.20
C ALA A 283 -1.07 13.17 14.93
N LEU A 284 -1.93 13.82 14.16
CA LEU A 284 -2.92 14.69 14.80
C LEU A 284 -3.90 13.92 15.66
N LYS A 285 -4.37 12.81 15.15
CA LYS A 285 -5.29 11.93 15.87
CA LYS A 285 -5.29 11.99 15.90
C LYS A 285 -4.60 11.40 17.13
N GLN A 286 -3.36 10.96 16.98
CA GLN A 286 -2.72 10.38 18.13
CA GLN A 286 -2.51 10.46 18.08
C GLN A 286 -2.36 11.46 19.19
N ALA A 287 -2.31 12.70 18.82
CA ALA A 287 -2.08 13.80 19.75
C ALA A 287 -3.39 14.23 20.42
N GLY A 288 -4.53 13.70 20.02
CA GLY A 288 -5.79 14.06 20.63
C GLY A 288 -6.62 15.05 19.86
N ALA A 289 -6.25 15.42 18.64
CA ALA A 289 -7.12 16.23 17.81
C ALA A 289 -8.16 15.34 17.15
N ARG A 290 -9.28 15.99 16.83
CA ARG A 290 -10.35 15.42 16.03
C ARG A 290 -10.05 15.80 14.57
N VAL A 291 -9.72 14.81 13.74
CA VAL A 291 -9.21 15.05 12.41
C VAL A 291 -10.30 14.86 11.36
N ILE A 292 -10.40 15.86 10.49
CA ILE A 292 -11.28 15.82 9.33
C ILE A 292 -10.39 15.82 8.10
N VAL A 293 -10.66 14.90 7.20
CA VAL A 293 -9.91 14.72 5.99
C VAL A 293 -10.71 15.23 4.79
N THR A 294 -10.04 15.89 3.87
CA THR A 294 -10.59 16.14 2.56
C THR A 294 -9.87 15.25 1.53
N GLU A 295 -10.60 14.85 0.50
CA GLU A 295 -10.01 14.01 -0.52
C GLU A 295 -10.79 14.12 -1.80
N ILE A 296 -10.10 13.88 -2.89
CA ILE A 296 -10.67 13.70 -4.25
C ILE A 296 -10.71 12.26 -4.71
N ASP A 297 -9.97 11.37 -4.05
CA ASP A 297 -9.82 9.99 -4.45
C ASP A 297 -10.70 9.14 -3.56
N PRO A 298 -11.71 8.45 -4.13
CA PRO A 298 -12.64 7.71 -3.29
C PRO A 298 -12.01 6.59 -2.49
N ILE A 299 -10.95 5.99 -3.04
CA ILE A 299 -10.23 4.94 -2.30
C ILE A 299 -9.57 5.53 -1.06
N CYS A 300 -8.83 6.60 -1.23
CA CYS A 300 -8.21 7.26 -0.09
C CYS A 300 -9.24 7.73 0.91
N ALA A 301 -10.34 8.27 0.43
CA ALA A 301 -11.43 8.72 1.34
C ALA A 301 -11.95 7.54 2.16
N LEU A 302 -12.18 6.43 1.49
CA LEU A 302 -12.67 5.26 2.19
C LEU A 302 -11.67 4.76 3.25
N GLN A 303 -10.38 4.77 2.90
CA GLN A 303 -9.35 4.44 3.89
C GLN A 303 -9.47 5.33 5.15
N ALA A 304 -9.62 6.65 4.92
CA ALA A 304 -9.71 7.58 6.04
C ALA A 304 -10.92 7.23 6.93
N THR A 305 -12.07 6.86 6.35
N THR A 305 -12.04 6.93 6.29
CA THR A 305 -13.23 6.52 7.15
CA THR A 305 -13.24 6.68 7.00
C THR A 305 -13.01 5.28 7.98
C THR A 305 -13.07 5.38 7.84
N MET A 306 -12.28 4.37 7.40
CA MET A 306 -11.92 3.08 8.06
CA MET A 306 -12.12 3.15 8.11
C MET A 306 -11.06 3.29 9.25
N GLU A 307 -10.37 4.41 9.26
CA GLU A 307 -9.52 4.80 10.34
C GLU A 307 -10.25 5.76 11.29
N GLY A 308 -11.55 5.90 11.17
CA GLY A 308 -12.28 6.63 12.13
C GLY A 308 -12.25 8.11 11.96
N LEU A 309 -11.91 8.58 10.78
CA LEU A 309 -11.81 10.00 10.45
C LEU A 309 -12.99 10.43 9.62
N GLN A 310 -13.51 11.62 9.88
CA GLN A 310 -14.54 12.20 9.09
C GLN A 310 -14.00 12.74 7.77
N VAL A 311 -14.71 12.49 6.68
CA VAL A 311 -14.34 13.02 5.37
C VAL A 311 -15.38 14.03 4.94
N LEU A 312 -14.97 15.28 4.77
CA LEU A 312 -15.83 16.36 4.35
C LEU A 312 -15.10 17.20 3.33
N THR A 313 -15.80 18.13 2.69
CA THR A 313 -15.14 19.14 1.91
C THR A 313 -14.70 20.29 2.80
N LEU A 314 -13.70 21.03 2.36
CA LEU A 314 -13.18 22.12 3.17
C LEU A 314 -14.25 23.11 3.57
N GLU A 315 -15.19 23.38 2.65
CA GLU A 315 -16.22 24.39 2.88
C GLU A 315 -17.10 24.01 4.08
N ASP A 316 -17.19 22.75 4.42
CA ASP A 316 -18.03 22.36 5.55
CA ASP A 316 -18.00 22.22 5.52
C ASP A 316 -17.40 22.56 6.88
N VAL A 317 -16.11 22.81 6.94
CA VAL A 317 -15.40 22.88 8.21
C VAL A 317 -14.53 24.09 8.40
N VAL A 318 -14.53 25.02 7.44
CA VAL A 318 -13.58 26.10 7.44
C VAL A 318 -13.67 27.00 8.66
N SER A 319 -14.89 27.20 9.21
CA SER A 319 -15.02 28.07 10.36
C SER A 319 -14.86 27.32 11.69
N GLU A 320 -14.78 26.01 11.63
CA GLU A 320 -14.70 25.14 12.81
CA GLU A 320 -14.67 25.21 12.85
C GLU A 320 -13.29 24.76 13.21
N ALA A 321 -12.48 24.48 12.20
CA ALA A 321 -11.19 23.86 12.46
C ALA A 321 -10.22 24.85 13.06
N ASP A 322 -9.31 24.31 13.87
CA ASP A 322 -8.26 25.06 14.54
C ASP A 322 -6.95 25.04 13.80
N ILE A 323 -6.73 23.97 13.05
CA ILE A 323 -5.48 23.68 12.36
C ILE A 323 -5.85 23.13 11.00
N PHE A 324 -5.18 23.61 9.95
CA PHE A 324 -5.33 23.17 8.59
C PHE A 324 -3.98 22.78 8.05
N VAL A 325 -3.87 21.58 7.46
CA VAL A 325 -2.65 21.08 6.86
C VAL A 325 -2.91 20.58 5.48
N THR A 326 -2.23 21.15 4.48
CA THR A 326 -2.34 20.70 3.12
C THR A 326 -1.25 19.72 2.77
N THR A 327 -1.65 18.60 2.15
CA THR A 327 -0.74 17.47 1.87
C THR A 327 -0.87 16.95 0.46
N THR A 328 -1.42 17.78 -0.43
CA THR A 328 -1.94 17.25 -1.67
C THR A 328 -0.98 17.14 -2.82
N GLY A 329 0.03 17.99 -2.89
CA GLY A 329 0.77 18.15 -4.14
C GLY A 329 0.01 18.85 -5.24
N ASN A 330 -1.15 19.39 -4.93
CA ASN A 330 -2.00 20.10 -5.88
C ASN A 330 -2.09 21.54 -5.50
N LYS A 331 -2.68 22.32 -6.38
CA LYS A 331 -2.85 23.76 -6.15
C LYS A 331 -4.25 24.11 -5.69
N ASP A 332 -4.34 25.28 -5.08
CA ASP A 332 -5.62 25.95 -4.83
C ASP A 332 -6.48 25.14 -3.88
N ILE A 333 -5.90 24.71 -2.78
CA ILE A 333 -6.58 23.93 -1.75
C ILE A 333 -7.27 24.85 -0.75
N ILE A 334 -6.54 25.81 -0.21
CA ILE A 334 -7.06 26.74 0.79
C ILE A 334 -6.94 28.13 0.18
N MET A 335 -8.07 28.68 -0.27
CA MET A 335 -8.10 29.94 -0.98
C MET A 335 -8.31 31.08 0.03
N LEU A 336 -8.09 32.30 -0.43
CA LEU A 336 -8.37 33.48 0.34
C LEU A 336 -9.80 33.46 0.90
N ASP A 337 -10.76 33.06 0.08
CA ASP A 337 -12.14 33.02 0.49
C ASP A 337 -12.35 32.08 1.70
N HIS A 338 -11.63 30.98 1.75
CA HIS A 338 -11.64 30.13 2.88
C HIS A 338 -11.03 30.78 4.10
N MET A 339 -9.83 31.34 3.91
CA MET A 339 -9.10 31.99 5.01
CA MET A 339 -9.12 31.94 5.04
C MET A 339 -9.91 33.05 5.73
N LYS A 340 -10.68 33.82 4.98
CA LYS A 340 -11.46 34.87 5.56
C LYS A 340 -12.54 34.37 6.49
N LYS A 341 -12.93 33.10 6.40
CA LYS A 341 -13.97 32.51 7.21
CA LYS A 341 -13.96 32.52 7.21
C LYS A 341 -13.42 31.78 8.47
N MET A 342 -12.10 31.67 8.60
CA MET A 342 -11.50 30.92 9.69
C MET A 342 -11.58 31.68 10.97
N LYS A 343 -11.66 30.94 12.09
CA LYS A 343 -11.66 31.57 13.37
C LYS A 343 -10.35 32.29 13.64
N ASN A 344 -10.39 33.24 14.55
CA ASN A 344 -9.19 33.95 14.94
C ASN A 344 -8.12 32.98 15.40
N ASN A 345 -6.94 33.14 14.84
CA ASN A 345 -5.73 32.37 15.13
C ASN A 345 -5.77 30.92 14.69
N ALA A 346 -6.66 30.57 13.79
CA ALA A 346 -6.54 29.31 13.10
C ALA A 346 -5.16 29.20 12.48
N ILE A 347 -4.56 28.02 12.57
CA ILE A 347 -3.22 27.75 12.03
C ILE A 347 -3.35 27.07 10.68
N VAL A 348 -2.67 27.63 9.71
CA VAL A 348 -2.76 27.20 8.32
C VAL A 348 -1.35 26.87 7.84
N CYS A 349 -1.14 25.66 7.32
CA CYS A 349 0.18 25.25 6.91
C CYS A 349 0.10 24.23 5.78
N ASN A 350 1.23 24.09 5.11
CA ASN A 350 1.40 23.23 3.95
C ASN A 350 2.65 22.36 4.18
N ILE A 351 2.47 21.07 4.01
CA ILE A 351 3.56 20.11 4.10
C ILE A 351 3.72 19.35 2.77
N GLY A 352 2.99 19.77 1.75
CA GLY A 352 3.03 19.15 0.44
C GLY A 352 4.06 19.69 -0.48
N HIS A 353 3.69 20.75 -1.17
CA HIS A 353 4.59 21.29 -2.17
C HIS A 353 4.41 22.81 -2.42
N PHE A 354 5.52 23.39 -2.85
CA PHE A 354 5.59 24.73 -3.34
C PHE A 354 4.93 25.72 -2.35
N ASP A 355 4.22 26.68 -2.92
N ASP A 355 4.30 26.79 -2.84
CA ASP A 355 3.66 27.77 -2.16
CA ASP A 355 3.57 27.72 -1.95
C ASP A 355 2.23 28.02 -2.52
C ASP A 355 2.23 28.05 -2.58
N ASN A 356 1.62 27.09 -3.27
CA ASN A 356 0.32 27.31 -3.91
C ASN A 356 -0.75 26.36 -3.45
N GLU A 357 -0.51 25.50 -2.45
CA GLU A 357 -1.58 24.73 -1.86
C GLU A 357 -2.50 25.69 -1.07
N ILE A 358 -1.88 26.52 -0.27
CA ILE A 358 -2.47 27.68 0.35
C ILE A 358 -2.33 28.86 -0.63
N ASP A 359 -3.36 29.67 -0.73
CA ASP A 359 -3.39 30.82 -1.65
C ASP A 359 -2.62 32.01 -1.06
N MET A 360 -1.29 31.85 -1.01
CA MET A 360 -0.46 32.88 -0.49
C MET A 360 -0.51 34.14 -1.31
N LEU A 361 -0.66 33.98 -2.62
CA LEU A 361 -0.76 35.14 -3.50
C LEU A 361 -1.99 35.96 -3.15
N GLY A 362 -3.14 35.31 -3.03
CA GLY A 362 -4.37 35.97 -2.71
C GLY A 362 -4.33 36.63 -1.36
N LEU A 363 -3.71 35.97 -0.39
CA LEU A 363 -3.55 36.54 0.89
C LEU A 363 -2.76 37.79 0.90
N GLU A 364 -1.57 37.73 0.29
CA GLU A 364 -0.63 38.84 0.34
CA GLU A 364 -0.67 38.85 0.42
C GLU A 364 -1.16 40.07 -0.38
N THR A 365 -2.02 39.85 -1.35
CA THR A 365 -2.62 40.92 -2.18
C THR A 365 -4.03 41.35 -1.73
N HIS A 366 -4.54 40.81 -0.63
CA HIS A 366 -5.83 41.18 -0.15
C HIS A 366 -5.80 42.62 0.36
N PRO A 367 -6.64 43.53 -0.19
CA PRO A 367 -6.54 44.91 0.20
C PRO A 367 -6.77 45.11 1.69
N GLY A 368 -5.83 45.83 2.31
CA GLY A 368 -5.95 46.16 3.70
C GLY A 368 -5.47 45.09 4.68
N VAL A 369 -5.04 43.94 4.18
CA VAL A 369 -4.50 42.88 5.06
C VAL A 369 -3.24 43.39 5.72
N LYS A 370 -2.96 42.84 6.88
CA LYS A 370 -1.69 43.18 7.57
C LYS A 370 -1.04 41.92 8.07
N ARG A 371 0.25 41.86 7.93
CA ARG A 371 1.08 40.75 8.37
C ARG A 371 1.91 41.15 9.56
N ILE A 372 1.83 40.39 10.62
CA ILE A 372 2.58 40.58 11.80
CA ILE A 372 2.72 40.61 11.74
C ILE A 372 3.47 39.34 12.00
N THR A 373 4.74 39.50 11.93
CA THR A 373 5.63 38.37 12.16
C THR A 373 5.77 38.13 13.65
N ILE A 374 5.38 36.97 14.12
CA ILE A 374 5.51 36.62 15.52
C ILE A 374 6.97 36.28 15.83
N LYS A 375 7.56 35.48 14.94
CA LYS A 375 8.95 35.06 14.96
C LYS A 375 9.18 34.46 13.59
N PRO A 376 10.43 34.17 13.22
CA PRO A 376 10.64 33.66 11.86
C PRO A 376 9.79 32.41 11.59
N GLN A 377 9.08 32.48 10.49
CA GLN A 377 8.23 31.43 9.91
C GLN A 377 6.91 31.23 10.66
N THR A 378 6.56 32.13 11.60
CA THR A 378 5.21 32.20 12.17
C THR A 378 4.68 33.59 11.98
N ASP A 379 3.71 33.71 11.10
CA ASP A 379 3.15 35.02 10.72
CA ASP A 379 3.16 35.01 10.78
C ASP A 379 1.68 35.06 11.02
N ARG A 380 1.19 36.15 11.62
CA ARG A 380 -0.24 36.34 11.84
C ARG A 380 -0.72 37.39 10.83
N TRP A 381 -1.70 37.02 10.03
CA TRP A 381 -2.31 37.88 9.02
C TRP A 381 -3.68 38.27 9.53
N VAL A 382 -3.90 39.62 9.58
CA VAL A 382 -5.14 40.17 10.08
C VAL A 382 -5.93 40.78 8.96
N PHE A 383 -7.19 40.43 8.90
CA PHE A 383 -8.08 40.88 7.83
C PHE A 383 -8.88 42.12 8.26
N PRO A 384 -9.04 43.07 7.33
CA PRO A 384 -9.71 44.30 7.73
C PRO A 384 -11.22 44.19 7.91
N GLU A 385 -11.87 43.23 7.27
CA GLU A 385 -13.31 43.08 7.39
C GLU A 385 -13.68 42.69 8.79
N THR A 386 -12.92 41.79 9.38
CA THR A 386 -13.21 41.10 10.59
C THR A 386 -12.37 41.52 11.77
N ASN A 387 -11.21 42.10 11.48
CA ASN A 387 -10.20 42.35 12.49
CA ASN A 387 -10.19 42.31 12.49
C ASN A 387 -9.79 41.09 13.26
N THR A 388 -9.94 39.94 12.65
CA THR A 388 -9.40 38.69 13.19
C THR A 388 -8.29 38.24 12.26
N GLY A 389 -7.52 37.27 12.75
CA GLY A 389 -6.30 36.83 12.12
C GLY A 389 -6.27 35.33 11.88
N ILE A 390 -5.31 34.94 11.09
CA ILE A 390 -4.88 33.56 10.94
C ILE A 390 -3.37 33.51 11.10
N ILE A 391 -2.89 32.32 11.41
CA ILE A 391 -1.46 32.06 11.57
C ILE A 391 -1.01 31.20 10.43
N ILE A 392 -0.10 31.75 9.59
CA ILE A 392 0.47 31.04 8.48
C ILE A 392 1.86 30.61 8.87
N LEU A 393 2.17 29.33 8.65
CA LEU A 393 3.50 28.81 8.90
C LEU A 393 4.35 28.78 7.66
N ALA A 394 5.61 29.20 7.82
CA ALA A 394 6.64 29.11 6.78
C ALA A 394 6.19 29.70 5.45
N GLU A 395 5.38 30.76 5.50
CA GLU A 395 4.91 31.46 4.31
CA GLU A 395 4.92 31.44 4.28
C GLU A 395 4.22 30.47 3.33
N GLY A 396 3.59 29.47 3.88
CA GLY A 396 2.91 28.49 3.05
C GLY A 396 3.76 27.47 2.34
N ARG A 397 5.05 27.42 2.71
CA ARG A 397 6.01 26.45 2.20
C ARG A 397 6.19 25.34 3.24
N LEU A 398 6.90 24.27 2.85
CA LEU A 398 6.95 23.08 3.69
C LEU A 398 7.15 23.42 5.16
N MET A 399 6.15 23.11 5.97
CA MET A 399 6.14 23.59 7.33
C MET A 399 7.06 22.79 8.23
N ASN A 400 7.26 21.51 7.89
CA ASN A 400 8.02 20.64 8.74
C ASN A 400 9.52 20.99 8.75
N LEU A 401 10.00 21.23 7.53
CA LEU A 401 11.37 21.68 7.32
C LEU A 401 11.50 23.16 7.66
N GLY A 402 10.46 23.95 7.45
CA GLY A 402 10.58 25.39 7.62
C GLY A 402 10.47 25.83 9.05
N CYS A 403 9.65 25.16 9.85
CA CYS A 403 9.40 25.49 11.23
C CYS A 403 10.10 24.58 12.22
N ALA A 404 10.57 23.44 11.79
CA ALA A 404 11.26 22.49 12.66
C ALA A 404 12.48 22.00 11.88
N THR A 405 12.73 20.70 11.83
CA THR A 405 13.94 20.18 11.22
C THR A 405 13.63 19.07 10.21
N GLY A 406 12.38 19.03 9.73
CA GLY A 406 11.96 17.95 8.88
C GLY A 406 12.04 16.59 9.56
N HIS A 407 12.09 15.56 8.73
CA HIS A 407 12.02 14.21 9.24
C HIS A 407 13.29 13.93 10.05
N PRO A 408 13.22 12.92 10.90
CA PRO A 408 14.38 12.49 11.66
C PRO A 408 15.33 11.61 10.86
N SER A 409 16.54 11.47 11.40
CA SER A 409 17.57 10.73 10.75
C SER A 409 17.24 9.32 10.37
N PHE A 410 16.59 8.55 11.27
CA PHE A 410 16.44 7.14 10.98
C PHE A 410 15.62 6.93 9.67
N VAL A 411 14.51 7.64 9.57
CA VAL A 411 13.71 7.44 8.36
C VAL A 411 14.42 8.03 7.14
N MET A 412 15.14 9.13 7.30
CA MET A 412 15.87 9.68 6.16
C MET A 412 16.99 8.73 5.71
N SER A 413 17.50 7.89 6.61
CA SER A 413 18.46 6.86 6.21
C SER A 413 17.84 5.89 5.23
N CYS A 414 16.57 5.59 5.40
CA CYS A 414 15.88 4.75 4.43
C CYS A 414 15.81 5.48 3.08
N SER A 415 15.30 6.68 3.07
CA SER A 415 15.22 7.44 1.82
C SER A 415 16.58 7.60 1.15
N PHE A 416 17.56 7.99 1.94
CA PHE A 416 18.86 8.32 1.39
C PHE A 416 19.73 7.13 1.03
N THR A 417 19.47 5.96 1.65
CA THR A 417 20.14 4.76 1.18
C THR A 417 19.61 4.45 -0.23
N ASN A 418 18.30 4.62 -0.48
CA ASN A 418 17.79 4.51 -1.81
C ASN A 418 18.50 5.49 -2.76
N GLN A 419 18.69 6.73 -2.33
CA GLN A 419 19.41 7.71 -3.18
C GLN A 419 20.84 7.22 -3.52
N VAL A 420 21.56 6.71 -2.54
CA VAL A 420 22.91 6.21 -2.81
C VAL A 420 22.83 5.08 -3.84
N ILE A 421 21.93 4.11 -3.63
CA ILE A 421 21.80 3.01 -4.53
C ILE A 421 21.45 3.48 -5.95
N ALA A 422 20.56 4.46 -6.07
CA ALA A 422 20.16 5.00 -7.38
C ALA A 422 21.35 5.66 -8.07
N GLN A 423 22.11 6.47 -7.34
CA GLN A 423 23.29 7.14 -7.88
C GLN A 423 24.36 6.12 -8.30
N LEU A 424 24.55 5.08 -7.48
CA LEU A 424 25.53 4.05 -7.84
C LEU A 424 25.13 3.34 -9.10
N GLU A 425 23.84 3.05 -9.23
CA GLU A 425 23.34 2.39 -10.44
C GLU A 425 23.53 3.22 -11.69
N LEU A 426 23.13 4.47 -11.63
CA LEU A 426 23.32 5.34 -12.77
C LEU A 426 24.80 5.40 -13.16
N TRP A 427 25.67 5.65 -12.18
CA TRP A 427 27.08 5.88 -12.42
C TRP A 427 27.81 4.63 -12.87
N ASN A 428 27.53 3.50 -12.24
CA ASN A 428 28.19 2.25 -12.64
C ASN A 428 27.83 1.88 -14.03
N GLU A 429 26.60 2.16 -14.40
CA GLU A 429 26.10 1.93 -15.76
C GLU A 429 26.27 3.08 -16.76
N LYS A 430 27.15 4.03 -16.46
CA LYS A 430 27.26 5.27 -17.28
C LYS A 430 27.59 4.96 -18.72
N SER A 431 28.31 3.86 -18.99
CA SER A 431 28.89 3.61 -20.35
C SER A 431 28.21 2.41 -20.96
N SER A 432 27.21 1.80 -20.32
CA SER A 432 26.65 0.49 -20.70
C SER A 432 25.41 0.55 -21.57
N GLY A 433 24.77 1.69 -21.65
CA GLY A 433 23.52 1.81 -22.39
C GLY A 433 22.34 1.16 -21.70
N LYS A 434 22.49 0.71 -20.46
CA LYS A 434 21.36 0.08 -19.80
C LYS A 434 20.11 1.01 -19.67
N TYR A 435 20.35 2.26 -19.33
CA TYR A 435 19.22 3.19 -19.11
C TYR A 435 18.98 4.11 -20.29
N GLU A 436 17.72 4.21 -20.66
CA GLU A 436 17.26 5.16 -21.66
C GLU A 436 16.80 6.43 -21.01
N LYS A 437 16.29 7.37 -21.83
CA LYS A 437 15.78 8.65 -21.33
C LYS A 437 14.35 8.50 -20.83
N LYS A 438 14.24 7.73 -19.75
CA LYS A 438 12.99 7.35 -19.14
C LYS A 438 13.16 7.32 -17.61
N VAL A 439 12.03 7.08 -16.92
CA VAL A 439 11.96 7.04 -15.47
C VAL A 439 11.90 5.58 -15.04
N TYR A 440 12.80 5.19 -14.13
CA TYR A 440 12.95 3.86 -13.60
C TYR A 440 12.75 3.87 -12.12
N VAL A 441 12.40 2.72 -11.57
CA VAL A 441 12.42 2.50 -10.13
CA VAL A 441 12.36 2.50 -10.15
C VAL A 441 13.39 1.41 -9.83
N LEU A 442 13.91 1.44 -8.62
CA LEU A 442 14.87 0.43 -8.17
C LEU A 442 14.15 -0.92 -8.03
N PRO A 443 14.86 -2.02 -8.30
CA PRO A 443 14.24 -3.33 -8.16
C PRO A 443 13.97 -3.70 -6.71
N LYS A 444 13.05 -4.62 -6.56
CA LYS A 444 12.59 -5.01 -5.25
C LYS A 444 13.68 -5.54 -4.37
N HIS A 445 14.64 -6.29 -4.89
CA HIS A 445 15.66 -6.84 -4.03
C HIS A 445 16.49 -5.75 -3.34
N LEU A 446 16.66 -4.61 -4.02
CA LEU A 446 17.36 -3.49 -3.42
C LEU A 446 16.49 -2.74 -2.43
N ASP A 447 15.22 -2.62 -2.71
CA ASP A 447 14.27 -2.04 -1.74
C ASP A 447 14.29 -2.88 -0.46
N GLU A 448 14.25 -4.20 -0.60
CA GLU A 448 14.36 -5.06 0.56
C GLU A 448 15.71 -4.92 1.28
N LYS A 449 16.79 -4.77 0.54
CA LYS A 449 18.11 -4.58 1.15
C LYS A 449 18.07 -3.31 2.04
N VAL A 450 17.47 -2.23 1.55
CA VAL A 450 17.37 -1.00 2.35
C VAL A 450 16.69 -1.31 3.68
N ALA A 451 15.55 -1.98 3.65
CA ALA A 451 14.87 -2.31 4.91
C ALA A 451 15.76 -3.15 5.79
N ALA A 452 16.36 -4.18 5.20
CA ALA A 452 17.14 -5.10 5.99
C ALA A 452 18.29 -4.41 6.70
N LEU A 453 18.89 -3.40 6.07
CA LEU A 453 19.98 -2.65 6.67
C LEU A 453 19.57 -1.86 7.90
N HIS A 454 18.30 -1.66 8.13
CA HIS A 454 17.81 -0.87 9.25
C HIS A 454 17.22 -1.67 10.40
N LEU A 455 17.16 -3.00 10.26
CA LEU A 455 16.56 -3.82 11.27
C LEU A 455 17.37 -3.98 12.52
N GLU A 456 18.69 -4.19 12.35
CA GLU A 456 19.54 -4.45 13.52
C GLU A 456 19.52 -3.31 14.53
N LYS A 457 19.51 -2.08 14.02
CA LYS A 457 19.45 -0.90 14.90
C LYS A 457 18.28 -0.96 15.85
N LEU A 458 17.16 -1.49 15.38
CA LEU A 458 15.93 -1.54 16.12
C LEU A 458 15.74 -2.85 16.86
N GLY A 459 16.67 -3.77 16.72
CA GLY A 459 16.53 -5.05 17.35
C GLY A 459 15.55 -6.01 16.75
N ALA A 460 15.07 -5.72 15.57
CA ALA A 460 14.07 -6.55 14.91
C ALA A 460 14.76 -7.77 14.39
N LYS A 461 14.25 -8.96 14.75
CA LYS A 461 14.87 -10.24 14.38
C LYS A 461 14.01 -10.90 13.32
N LEU A 462 14.55 -11.05 12.14
CA LEU A 462 13.88 -11.66 11.02
C LEU A 462 13.99 -13.18 11.08
N THR A 463 12.89 -13.82 10.67
CA THR A 463 12.84 -15.25 10.46
C THR A 463 13.39 -15.60 9.09
N LYS A 464 14.10 -16.70 9.00
CA LYS A 464 14.58 -17.23 7.76
C LYS A 464 13.71 -18.36 7.27
N LEU A 465 13.20 -18.28 6.04
CA LEU A 465 12.48 -19.39 5.44
C LEU A 465 13.35 -20.59 5.27
N SER A 466 12.80 -21.77 5.53
CA SER A 466 13.44 -22.99 5.05
C SER A 466 13.27 -23.02 3.54
N LYS A 467 14.09 -23.87 2.84
CA LYS A 467 13.88 -24.02 1.42
C LYS A 467 12.50 -24.52 1.09
N ASP A 468 12.00 -25.47 1.89
CA ASP A 468 10.67 -26.00 1.69
C ASP A 468 9.59 -24.92 1.78
N GLN A 469 9.68 -24.07 2.79
CA GLN A 469 8.77 -22.95 2.95
C GLN A 469 8.88 -21.95 1.81
N ALA A 470 10.10 -21.63 1.39
CA ALA A 470 10.29 -20.67 0.28
C ALA A 470 9.62 -21.19 -1.00
N ASP A 471 9.83 -22.47 -1.24
CA ASP A 471 9.16 -23.11 -2.37
C ASP A 471 7.64 -23.06 -2.27
N TYR A 472 7.13 -23.28 -1.06
CA TYR A 472 5.72 -23.30 -0.85
C TYR A 472 5.01 -22.00 -1.25
N ILE A 473 5.65 -20.86 -1.01
CA ILE A 473 5.07 -19.56 -1.34
C ILE A 473 5.68 -18.96 -2.60
N SER A 474 6.50 -19.79 -3.23
N SER A 474 6.39 -19.76 -3.35
CA SER A 474 7.13 -19.55 -4.53
CA SER A 474 6.85 -19.30 -4.64
C SER A 474 8.04 -18.34 -4.61
C SER A 474 7.85 -18.13 -4.50
N VAL A 475 8.86 -18.23 -3.59
CA VAL A 475 9.90 -17.16 -3.50
C VAL A 475 11.27 -17.77 -3.20
N PRO A 476 12.34 -17.09 -3.57
CA PRO A 476 13.62 -17.49 -3.11
C PRO A 476 13.84 -17.28 -1.61
N VAL A 477 14.65 -18.11 -0.97
CA VAL A 477 15.01 -17.92 0.43
C VAL A 477 15.51 -16.51 0.74
N GLU A 478 16.30 -15.99 -0.21
CA GLU A 478 16.92 -14.65 -0.10
C GLU A 478 16.05 -13.53 -0.67
N GLY A 479 14.84 -13.84 -1.10
CA GLY A 479 13.94 -12.88 -1.73
C GLY A 479 14.27 -12.63 -3.16
N PRO A 480 13.51 -11.79 -3.82
CA PRO A 480 12.46 -10.98 -3.22
C PRO A 480 11.27 -11.78 -2.79
N TYR A 481 10.54 -11.22 -1.82
CA TYR A 481 9.53 -11.97 -1.13
C TYR A 481 8.11 -11.72 -1.57
N LYS A 482 7.92 -10.69 -2.39
CA LYS A 482 6.60 -10.22 -2.77
C LYS A 482 6.50 -10.06 -4.29
N PRO A 483 5.28 -10.22 -4.83
CA PRO A 483 5.10 -10.00 -6.23
C PRO A 483 5.36 -8.57 -6.63
N PHE A 484 5.58 -8.39 -7.91
CA PHE A 484 5.93 -7.10 -8.44
C PHE A 484 4.97 -5.97 -8.06
N HIS A 485 3.70 -6.28 -8.08
CA HIS A 485 2.66 -5.29 -7.82
C HIS A 485 2.21 -5.23 -6.36
N TYR A 486 2.94 -5.87 -5.46
CA TYR A 486 2.54 -5.87 -4.06
C TYR A 486 2.54 -4.44 -3.50
N ARG A 487 1.54 -4.13 -2.68
CA ARG A 487 1.38 -2.78 -2.19
C ARG A 487 1.83 -2.51 -0.76
N TYR A 488 2.09 -3.55 0.02
CA TYR A 488 2.53 -3.41 1.41
C TYR A 488 1.51 -2.66 2.23
N GLY B 1 -26.78 -48.07 -2.69
CA GLY B 1 -25.61 -47.36 -2.09
C GLY B 1 -25.61 -47.40 -0.58
N SER B 2 -24.68 -46.63 -0.02
CA SER B 2 -24.39 -46.70 1.40
C SER B 2 -25.50 -46.14 2.28
N HIS B 3 -25.63 -46.71 3.48
CA HIS B 3 -26.66 -46.25 4.43
C HIS B 3 -26.49 -44.75 4.66
N MET B 4 -25.21 -44.34 4.75
CA MET B 4 -24.82 -42.95 5.12
C MET B 4 -24.47 -42.12 3.89
N ALA B 5 -24.88 -42.57 2.70
CA ALA B 5 -24.57 -41.86 1.47
C ALA B 5 -25.09 -40.42 1.61
N LEU B 6 -24.30 -39.48 1.07
CA LEU B 6 -24.72 -38.09 0.91
C LEU B 6 -25.62 -38.01 -0.31
N LEU B 7 -26.85 -37.57 -0.09
CA LEU B 7 -27.84 -37.41 -1.16
C LEU B 7 -28.45 -36.02 -1.19
N VAL B 8 -28.62 -35.50 -2.41
CA VAL B 8 -29.23 -34.18 -2.51
C VAL B 8 -30.71 -34.22 -2.20
N GLU B 9 -31.21 -33.13 -1.64
CA GLU B 9 -32.65 -32.89 -1.50
C GLU B 9 -33.07 -31.89 -2.55
N LYS B 10 -34.37 -31.71 -2.71
CA LYS B 10 -34.90 -30.84 -3.74
C LYS B 10 -35.98 -29.96 -3.19
N THR B 11 -35.99 -28.69 -3.61
CA THR B 11 -37.08 -27.79 -3.25
C THR B 11 -38.35 -28.24 -3.99
N THR B 12 -39.45 -27.55 -3.72
CA THR B 12 -40.73 -27.86 -4.35
C THR B 12 -40.59 -27.79 -5.89
N SER B 13 -39.75 -26.87 -6.37
CA SER B 13 -39.51 -26.66 -7.81
C SER B 13 -38.40 -27.51 -8.37
N GLY B 14 -37.87 -28.41 -7.55
CA GLY B 14 -36.88 -29.36 -8.04
C GLY B 14 -35.44 -28.93 -7.94
N ARG B 15 -35.16 -27.78 -7.36
CA ARG B 15 -33.77 -27.31 -7.27
C ARG B 15 -33.06 -28.06 -6.15
N GLU B 16 -31.87 -28.53 -6.46
CA GLU B 16 -31.09 -29.37 -5.56
C GLU B 16 -30.46 -28.55 -4.44
N TYR B 17 -30.28 -29.17 -3.31
CA TYR B 17 -29.55 -28.58 -2.18
C TYR B 17 -29.16 -29.66 -1.19
N LYS B 18 -28.21 -29.30 -0.32
CA LYS B 18 -27.97 -30.06 0.89
CA LYS B 18 -28.05 -30.03 0.94
C LYS B 18 -27.48 -29.07 1.93
N VAL B 19 -28.27 -28.83 2.94
CA VAL B 19 -27.96 -27.90 4.00
C VAL B 19 -28.25 -28.53 5.34
N LYS B 20 -27.85 -27.90 6.41
CA LYS B 20 -28.10 -28.46 7.75
C LYS B 20 -29.57 -28.55 8.10
N ASP B 21 -30.30 -27.48 7.88
CA ASP B 21 -31.65 -27.34 8.43
CA ASP B 21 -31.69 -27.39 8.34
C ASP B 21 -32.44 -26.27 7.65
N MET B 22 -33.29 -26.69 6.75
CA MET B 22 -34.08 -25.77 5.97
CA MET B 22 -34.00 -25.76 5.91
C MET B 22 -34.98 -24.90 6.74
N SER B 23 -35.31 -25.31 7.98
CA SER B 23 -36.16 -24.50 8.84
C SER B 23 -35.53 -23.21 9.29
N GLN B 24 -34.25 -23.05 9.04
CA GLN B 24 -33.57 -21.82 9.41
CA GLN B 24 -33.51 -21.84 9.36
C GLN B 24 -33.65 -20.76 8.29
N ALA B 25 -34.38 -21.03 7.21
CA ALA B 25 -34.47 -20.11 6.11
C ALA B 25 -35.05 -18.77 6.52
N ASP B 26 -36.11 -18.74 7.31
CA ASP B 26 -36.71 -17.45 7.67
C ASP B 26 -35.70 -16.57 8.43
N PHE B 27 -34.97 -17.18 9.34
CA PHE B 27 -33.90 -16.48 10.10
C PHE B 27 -32.83 -15.97 9.12
N GLY B 28 -32.41 -16.80 8.18
CA GLY B 28 -31.47 -16.39 7.20
C GLY B 28 -31.97 -15.15 6.43
N ARG B 29 -33.22 -15.19 6.00
CA ARG B 29 -33.79 -14.03 5.29
C ARG B 29 -33.76 -12.77 6.11
N LEU B 30 -34.07 -12.86 7.38
CA LEU B 30 -34.06 -11.70 8.28
C LEU B 30 -32.68 -11.09 8.33
N GLU B 31 -31.65 -11.91 8.47
CA GLU B 31 -30.29 -11.36 8.51
C GLU B 31 -29.78 -10.93 7.14
N ILE B 32 -30.22 -11.54 6.06
CA ILE B 32 -29.87 -11.07 4.73
C ILE B 32 -30.46 -9.69 4.50
N GLU B 33 -31.69 -9.46 4.95
CA GLU B 33 -32.32 -8.16 4.76
C GLU B 33 -31.53 -7.05 5.47
N LEU B 34 -30.97 -7.34 6.63
CA LEU B 34 -30.09 -6.40 7.32
C LEU B 34 -28.78 -6.22 6.56
N ALA B 35 -28.19 -7.30 6.09
CA ALA B 35 -26.95 -7.21 5.37
C ALA B 35 -27.05 -6.38 4.10
N GLU B 36 -28.17 -6.45 3.39
CA GLU B 36 -28.36 -5.68 2.19
C GLU B 36 -28.08 -4.20 2.42
N VAL B 37 -28.61 -3.68 3.53
CA VAL B 37 -28.42 -2.26 3.90
C VAL B 37 -26.96 -1.92 4.12
N GLU B 38 -26.20 -2.89 4.62
CA GLU B 38 -24.78 -2.76 4.88
C GLU B 38 -23.93 -3.00 3.62
N MET B 39 -24.54 -3.34 2.48
CA MET B 39 -23.78 -3.72 1.27
C MET B 39 -24.19 -2.87 0.08
N PRO B 40 -23.95 -1.56 0.17
CA PRO B 40 -24.43 -0.66 -0.89
C PRO B 40 -23.81 -0.95 -2.25
N GLY B 41 -22.61 -1.44 -2.32
CA GLY B 41 -22.07 -1.75 -3.62
C GLY B 41 -22.79 -2.85 -4.35
N LEU B 42 -23.18 -3.87 -3.63
CA LEU B 42 -23.97 -4.93 -4.21
C LEU B 42 -25.39 -4.45 -4.59
N MET B 43 -26.01 -3.68 -3.73
CA MET B 43 -27.36 -3.21 -4.01
C MET B 43 -27.32 -2.23 -5.21
N ALA B 44 -26.30 -1.41 -5.30
CA ALA B 44 -26.15 -0.49 -6.42
C ALA B 44 -25.94 -1.28 -7.69
N SER B 45 -25.23 -2.40 -7.63
CA SER B 45 -25.02 -3.26 -8.77
C SER B 45 -26.33 -3.84 -9.24
N ARG B 46 -27.20 -4.21 -8.31
CA ARG B 46 -28.53 -4.67 -8.68
C ARG B 46 -29.32 -3.62 -9.37
N SER B 47 -29.29 -2.40 -8.86
CA SER B 47 -30.04 -1.31 -9.48
C SER B 47 -29.52 -0.94 -10.84
N GLU B 48 -28.22 -0.91 -10.99
CA GLU B 48 -27.61 -0.49 -12.24
C GLU B 48 -27.80 -1.55 -13.33
N PHE B 49 -27.61 -2.82 -13.02
CA PHE B 49 -27.50 -3.86 -13.98
C PHE B 49 -28.67 -4.84 -14.05
N GLY B 50 -29.49 -4.87 -13.04
CA GLY B 50 -30.64 -5.74 -13.01
C GLY B 50 -31.48 -5.68 -14.27
N PRO B 51 -31.90 -4.49 -14.70
CA PRO B 51 -32.81 -4.43 -15.84
C PRO B 51 -32.27 -5.00 -17.13
N SER B 52 -30.99 -4.87 -17.36
CA SER B 52 -30.41 -5.42 -18.55
C SER B 52 -30.03 -6.90 -18.46
N GLN B 53 -30.19 -7.53 -17.29
CA GLN B 53 -29.99 -8.99 -17.19
C GLN B 53 -28.71 -9.47 -17.83
N PRO B 54 -27.55 -8.87 -17.46
CA PRO B 54 -26.33 -9.17 -18.21
C PRO B 54 -25.91 -10.63 -18.12
N PHE B 55 -26.35 -11.36 -17.08
CA PHE B 55 -25.96 -12.77 -16.92
C PHE B 55 -27.04 -13.73 -17.44
N LYS B 56 -27.99 -13.22 -18.21
CA LYS B 56 -28.97 -14.12 -18.81
C LYS B 56 -28.32 -15.26 -19.53
N GLY B 57 -28.72 -16.46 -19.16
CA GLY B 57 -28.19 -17.67 -19.74
C GLY B 57 -26.94 -18.19 -19.10
N ALA B 58 -26.26 -17.42 -18.24
CA ALA B 58 -25.02 -17.83 -17.61
C ALA B 58 -25.32 -18.72 -16.40
N LYS B 59 -24.45 -19.73 -16.26
CA LYS B 59 -24.44 -20.60 -15.11
C LYS B 59 -23.17 -20.35 -14.33
N ILE B 60 -23.31 -20.04 -13.03
CA ILE B 60 -22.18 -19.69 -12.19
C ILE B 60 -22.11 -20.70 -11.05
N THR B 61 -20.94 -21.33 -10.90
CA THR B 61 -20.62 -22.13 -9.71
C THR B 61 -19.73 -21.24 -8.84
N GLY B 62 -20.08 -21.17 -7.56
CA GLY B 62 -19.27 -20.49 -6.58
C GLY B 62 -18.92 -21.33 -5.39
N SER B 63 -17.86 -20.84 -4.74
N SER B 63 -17.68 -21.14 -4.94
CA SER B 63 -17.38 -21.43 -3.48
CA SER B 63 -17.12 -21.93 -3.83
C SER B 63 -16.98 -20.45 -2.39
C SER B 63 -16.52 -20.89 -2.97
N LEU B 64 -17.32 -19.16 -2.57
N LEU B 64 -17.28 -20.40 -2.01
CA LEU B 64 -17.13 -18.21 -1.48
CA LEU B 64 -16.97 -19.11 -1.33
C LEU B 64 -17.81 -18.77 -0.21
C LEU B 64 -17.75 -19.18 -0.08
N HIS B 65 -17.19 -18.65 0.98
CA HIS B 65 -17.74 -19.10 2.28
C HIS B 65 -19.24 -18.81 2.32
N MET B 66 -20.05 -19.77 2.75
CA MET B 66 -21.49 -19.63 2.64
C MET B 66 -22.07 -18.90 3.84
N THR B 67 -21.77 -17.60 3.89
CA THR B 67 -22.16 -16.69 4.91
C THR B 67 -23.34 -15.85 4.44
N ILE B 68 -23.85 -15.06 5.37
CA ILE B 68 -24.87 -14.04 5.04
C ILE B 68 -24.34 -13.06 3.96
N GLN B 69 -23.08 -12.71 4.02
CA GLN B 69 -22.48 -11.83 3.06
C GLN B 69 -22.47 -12.43 1.67
N THR B 70 -22.10 -13.71 1.60
CA THR B 70 -22.12 -14.43 0.35
C THR B 70 -23.54 -14.54 -0.19
N ALA B 71 -24.51 -14.71 0.69
CA ALA B 71 -25.90 -14.77 0.29
C ALA B 71 -26.29 -13.52 -0.49
N VAL B 72 -25.86 -12.35 -0.03
CA VAL B 72 -26.17 -11.10 -0.74
C VAL B 72 -25.47 -11.08 -2.11
N LEU B 73 -24.24 -11.60 -2.19
CA LEU B 73 -23.55 -11.74 -3.47
CA LEU B 73 -23.55 -11.74 -3.47
C LEU B 73 -24.35 -12.66 -4.40
N ILE B 74 -24.74 -13.83 -3.92
CA ILE B 74 -25.47 -14.80 -4.74
C ILE B 74 -26.71 -14.17 -5.31
N GLU B 75 -27.45 -13.45 -4.46
CA GLU B 75 -28.68 -12.84 -4.85
C GLU B 75 -28.50 -11.60 -5.70
N THR B 76 -27.29 -11.09 -5.78
CA THR B 76 -26.96 -10.10 -6.77
C THR B 76 -26.70 -10.76 -8.14
N LEU B 77 -25.99 -11.89 -8.15
CA LEU B 77 -25.80 -12.62 -9.36
C LEU B 77 -27.14 -13.05 -9.96
N THR B 78 -28.05 -13.56 -9.11
CA THR B 78 -29.34 -14.01 -9.63
C THR B 78 -30.19 -12.80 -10.05
N ALA B 79 -30.10 -11.69 -9.35
CA ALA B 79 -30.80 -10.46 -9.76
C ALA B 79 -30.37 -10.00 -11.13
N LEU B 80 -29.15 -10.31 -11.51
CA LEU B 80 -28.58 -9.95 -12.80
C LEU B 80 -28.81 -11.02 -13.86
N GLY B 81 -29.54 -12.09 -13.50
CA GLY B 81 -29.94 -13.11 -14.45
C GLY B 81 -29.25 -14.45 -14.41
N ALA B 82 -28.21 -14.58 -13.57
CA ALA B 82 -27.48 -15.85 -13.51
C ALA B 82 -28.31 -16.93 -12.84
N GLU B 83 -28.03 -18.16 -13.27
CA GLU B 83 -28.36 -19.35 -12.51
C GLU B 83 -27.11 -19.76 -11.73
N VAL B 84 -27.31 -20.19 -10.50
CA VAL B 84 -26.17 -20.34 -9.55
C VAL B 84 -26.25 -21.66 -8.81
N ARG B 85 -25.11 -22.27 -8.63
CA ARG B 85 -24.92 -23.41 -7.73
C ARG B 85 -23.71 -23.04 -6.85
N TRP B 86 -23.75 -23.43 -5.58
CA TRP B 86 -22.81 -22.95 -4.58
C TRP B 86 -22.42 -24.02 -3.60
N CYS B 87 -21.19 -23.89 -3.09
CA CYS B 87 -20.68 -24.63 -1.94
C CYS B 87 -19.81 -23.69 -1.10
N SER B 88 -19.47 -24.08 0.11
CA SER B 88 -18.52 -23.32 0.85
C SER B 88 -17.14 -23.81 0.61
N CYS B 89 -16.14 -22.96 0.73
CA CYS B 89 -14.73 -23.31 0.58
C CYS B 89 -14.04 -23.65 1.92
N ASN B 90 -14.82 -23.86 2.98
CA ASN B 90 -14.27 -24.24 4.28
C ASN B 90 -15.29 -25.06 5.00
N ILE B 91 -14.83 -26.08 5.71
CA ILE B 91 -15.72 -26.98 6.44
C ILE B 91 -16.44 -26.37 7.63
N PHE B 92 -15.94 -25.24 8.15
CA PHE B 92 -16.53 -24.59 9.31
C PHE B 92 -17.12 -23.21 9.06
N SER B 93 -17.07 -22.72 7.82
CA SER B 93 -17.40 -21.30 7.59
C SER B 93 -18.86 -21.04 7.23
N THR B 94 -19.58 -22.07 6.87
CA THR B 94 -21.01 -21.85 6.52
C THR B 94 -21.77 -21.30 7.70
N GLN B 95 -22.64 -20.32 7.43
CA GLN B 95 -23.70 -19.91 8.34
C GLN B 95 -24.98 -20.63 7.90
N ASP B 96 -25.41 -21.59 8.67
CA ASP B 96 -26.46 -22.50 8.22
C ASP B 96 -27.74 -21.77 7.81
N HIS B 97 -28.06 -20.67 8.48
CA HIS B 97 -29.29 -19.92 8.14
C HIS B 97 -29.15 -19.24 6.78
N ALA B 98 -27.96 -18.76 6.47
CA ALA B 98 -27.68 -18.20 5.14
C ALA B 98 -27.85 -19.26 4.05
N ALA B 99 -27.30 -20.44 4.30
CA ALA B 99 -27.38 -21.50 3.34
C ALA B 99 -28.83 -21.90 3.10
N ALA B 100 -29.62 -21.98 4.18
CA ALA B 100 -31.03 -22.39 4.06
C ALA B 100 -31.81 -21.38 3.28
N ALA B 101 -31.61 -20.08 3.56
CA ALA B 101 -32.37 -19.06 2.81
C ALA B 101 -32.05 -19.09 1.33
N ILE B 102 -30.77 -19.22 1.02
CA ILE B 102 -30.40 -19.34 -0.39
C ILE B 102 -30.97 -20.57 -1.05
N ALA B 103 -30.88 -21.71 -0.39
CA ALA B 103 -31.42 -22.95 -0.93
C ALA B 103 -32.93 -22.83 -1.19
N ARG B 104 -33.61 -22.21 -0.26
CA ARG B 104 -35.03 -22.05 -0.42
C ARG B 104 -35.40 -21.12 -1.57
N ASP B 105 -34.71 -19.99 -1.65
CA ASP B 105 -35.16 -18.86 -2.41
C ASP B 105 -34.42 -18.57 -3.70
N SER B 106 -33.17 -19.01 -3.85
CA SER B 106 -32.38 -18.42 -4.88
C SER B 106 -31.39 -19.32 -5.66
N ALA B 107 -30.79 -20.35 -5.02
CA ALA B 107 -29.73 -21.09 -5.70
C ALA B 107 -29.55 -22.44 -5.07
N ALA B 108 -29.05 -23.41 -5.84
CA ALA B 108 -28.63 -24.69 -5.30
C ALA B 108 -27.41 -24.44 -4.42
N VAL B 109 -27.46 -24.98 -3.22
CA VAL B 109 -26.40 -24.79 -2.21
CA VAL B 109 -26.34 -24.83 -2.36
C VAL B 109 -26.13 -26.12 -1.55
N PHE B 110 -24.86 -26.45 -1.41
CA PHE B 110 -24.40 -27.70 -0.77
C PHE B 110 -23.36 -27.23 0.26
N ALA B 111 -23.83 -27.03 1.48
CA ALA B 111 -23.02 -26.43 2.53
C ALA B 111 -23.65 -26.48 3.89
N TRP B 112 -22.83 -26.82 4.89
CA TRP B 112 -23.22 -26.76 6.28
C TRP B 112 -21.99 -26.55 7.14
N LYS B 113 -22.21 -25.98 8.31
CA LYS B 113 -21.13 -25.83 9.25
C LYS B 113 -20.75 -27.20 9.87
N GLY B 114 -19.46 -27.49 9.89
CA GLY B 114 -19.04 -28.78 10.44
C GLY B 114 -19.04 -29.91 9.50
N GLU B 115 -18.75 -29.67 8.23
CA GLU B 115 -18.54 -30.75 7.28
C GLU B 115 -17.29 -31.56 7.64
N THR B 116 -17.28 -32.84 7.26
CA THR B 116 -16.05 -33.60 7.13
C THR B 116 -15.40 -33.24 5.81
N LEU B 117 -14.14 -33.61 5.64
CA LEU B 117 -13.47 -33.41 4.35
C LEU B 117 -14.11 -34.22 3.24
N GLN B 118 -14.61 -35.40 3.53
CA GLN B 118 -15.31 -36.16 2.54
CA GLN B 118 -15.35 -36.18 2.54
C GLN B 118 -16.56 -35.38 2.07
N GLU B 119 -17.29 -34.86 3.02
CA GLU B 119 -18.51 -34.06 2.72
C GLU B 119 -18.12 -32.80 1.93
N TYR B 120 -17.05 -32.14 2.34
CA TYR B 120 -16.58 -30.95 1.66
C TYR B 120 -16.36 -31.12 0.18
N TRP B 121 -15.68 -32.20 -0.19
CA TRP B 121 -15.38 -32.47 -1.55
C TRP B 121 -16.62 -32.95 -2.34
N TRP B 122 -17.53 -33.64 -1.68
CA TRP B 122 -18.78 -33.99 -2.30
C TRP B 122 -19.55 -32.70 -2.60
N CYS B 123 -19.61 -31.78 -1.65
CA CYS B 123 -20.30 -30.51 -1.91
C CYS B 123 -19.72 -29.77 -3.07
N THR B 124 -18.40 -29.79 -3.19
CA THR B 124 -17.72 -29.08 -4.28
C THR B 124 -18.09 -29.72 -5.62
N GLU B 125 -18.05 -31.06 -5.66
CA GLU B 125 -18.42 -31.72 -6.87
C GLU B 125 -19.87 -31.38 -7.24
N ARG B 126 -20.78 -31.41 -6.27
CA ARG B 126 -22.13 -31.03 -6.55
CA ARG B 126 -22.22 -31.04 -6.42
C ARG B 126 -22.33 -29.63 -7.02
N ALA B 127 -21.64 -28.67 -6.46
CA ALA B 127 -21.77 -27.31 -6.95
C ALA B 127 -21.37 -27.20 -8.41
N LEU B 128 -20.47 -28.09 -8.83
CA LEU B 128 -20.03 -28.14 -10.23
C LEU B 128 -20.86 -28.98 -11.18
N ASP B 129 -21.70 -29.79 -10.67
N ASP B 129 -21.91 -29.64 -10.56
CA ASP B 129 -22.21 -30.73 -11.58
CA ASP B 129 -22.90 -30.72 -11.14
C ASP B 129 -23.65 -30.25 -11.88
C ASP B 129 -24.07 -30.06 -11.80
N TRP B 130 -23.82 -29.61 -13.01
CA TRP B 130 -24.97 -28.95 -13.61
C TRP B 130 -25.93 -29.88 -14.34
N GLY B 131 -25.58 -31.14 -14.49
CA GLY B 131 -26.48 -32.05 -15.19
C GLY B 131 -26.45 -31.86 -16.67
N PRO B 132 -27.44 -32.45 -17.38
CA PRO B 132 -27.20 -32.60 -18.82
C PRO B 132 -27.08 -31.32 -19.69
N GLY B 133 -27.66 -30.22 -19.21
CA GLY B 133 -27.50 -28.94 -19.87
C GLY B 133 -26.12 -28.31 -19.74
N GLY B 134 -25.23 -28.95 -18.95
CA GLY B 134 -23.89 -28.46 -18.81
C GLY B 134 -23.74 -27.18 -17.99
N GLY B 135 -22.49 -26.87 -17.75
CA GLY B 135 -22.11 -25.74 -16.91
C GLY B 135 -20.97 -26.13 -15.96
N PRO B 136 -20.41 -25.13 -15.28
CA PRO B 136 -20.74 -23.74 -15.34
C PRO B 136 -20.11 -23.00 -16.53
N ASP B 137 -20.61 -21.79 -16.80
CA ASP B 137 -19.91 -20.85 -17.61
C ASP B 137 -18.87 -20.03 -16.89
N LEU B 138 -19.10 -19.82 -15.59
CA LEU B 138 -18.32 -18.91 -14.76
C LEU B 138 -18.09 -19.54 -13.43
N ILE B 139 -16.92 -19.26 -12.84
CA ILE B 139 -16.58 -19.77 -11.53
C ILE B 139 -16.18 -18.59 -10.66
N VAL B 140 -16.73 -18.61 -9.45
CA VAL B 140 -16.30 -17.70 -8.36
C VAL B 140 -15.63 -18.60 -7.31
N ASP B 141 -14.34 -18.39 -7.06
CA ASP B 141 -13.57 -19.30 -6.21
C ASP B 141 -12.88 -18.52 -5.13
N ASP B 142 -12.65 -19.17 -4.02
CA ASP B 142 -11.97 -18.63 -2.87
C ASP B 142 -11.04 -19.74 -2.34
N GLY B 143 -9.75 -19.59 -2.65
CA GLY B 143 -8.75 -20.53 -2.24
C GLY B 143 -8.33 -21.52 -3.28
N GLY B 144 -9.10 -21.60 -4.36
CA GLY B 144 -8.73 -22.41 -5.49
C GLY B 144 -9.13 -23.89 -5.49
N ASP B 145 -9.86 -24.40 -4.52
CA ASP B 145 -10.21 -25.82 -4.52
C ASP B 145 -11.10 -26.21 -5.72
N THR B 146 -12.07 -25.39 -6.08
CA THR B 146 -12.93 -25.68 -7.22
C THR B 146 -12.12 -25.73 -8.50
N THR B 147 -11.27 -24.73 -8.65
CA THR B 147 -10.37 -24.64 -9.78
C THR B 147 -9.44 -25.87 -9.83
N LEU B 148 -8.94 -26.28 -8.69
CA LEU B 148 -8.06 -27.44 -8.58
CA LEU B 148 -8.06 -27.43 -8.59
C LEU B 148 -8.80 -28.70 -9.04
N LEU B 149 -10.03 -28.86 -8.56
CA LEU B 149 -10.80 -30.06 -8.94
C LEU B 149 -10.98 -30.16 -10.44
N ILE B 150 -11.25 -29.05 -11.07
CA ILE B 150 -11.41 -29.04 -12.51
C ILE B 150 -10.11 -29.41 -13.22
N HIS B 151 -9.01 -28.85 -12.78
CA HIS B 151 -7.74 -29.13 -13.40
C HIS B 151 -7.32 -30.58 -13.18
N GLU B 152 -7.47 -31.09 -11.96
CA GLU B 152 -7.17 -32.50 -11.66
C GLU B 152 -8.13 -33.40 -12.42
N GLY B 153 -9.38 -32.99 -12.55
CA GLY B 153 -10.37 -33.76 -13.27
C GLY B 153 -10.02 -33.89 -14.74
N VAL B 154 -9.58 -32.80 -15.37
CA VAL B 154 -9.14 -32.87 -16.73
C VAL B 154 -7.98 -33.82 -16.87
N LYS B 155 -7.02 -33.73 -15.99
CA LYS B 155 -5.89 -34.64 -16.06
C LYS B 155 -6.31 -36.10 -15.97
N ALA B 156 -7.19 -36.42 -15.03
CA ALA B 156 -7.69 -37.77 -14.88
C ALA B 156 -8.45 -38.20 -16.12
N GLU B 157 -9.23 -37.29 -16.70
CA GLU B 157 -10.01 -37.62 -17.87
C GLU B 157 -9.11 -37.87 -19.06
N GLU B 158 -8.00 -37.17 -19.15
CA GLU B 158 -6.99 -37.43 -20.20
CA GLU B 158 -7.07 -37.43 -20.26
C GLU B 158 -6.42 -38.82 -20.14
N ILE B 159 -6.03 -39.20 -18.95
CA ILE B 159 -5.53 -40.51 -18.71
C ILE B 159 -6.58 -41.57 -19.03
N TYR B 160 -7.80 -41.34 -18.60
CA TYR B 160 -8.90 -42.24 -18.89
C TYR B 160 -9.16 -42.36 -20.36
N GLU B 161 -9.13 -41.27 -21.08
CA GLU B 161 -9.36 -41.29 -22.49
CA GLU B 161 -9.39 -41.30 -22.49
C GLU B 161 -8.31 -42.13 -23.20
N LYS B 162 -7.09 -41.98 -22.78
CA LYS B 162 -5.98 -42.69 -23.43
C LYS B 162 -5.97 -44.18 -23.13
N SER B 163 -6.22 -44.57 -21.88
CA SER B 163 -6.00 -45.98 -21.39
C SER B 163 -7.11 -46.60 -20.62
N GLY B 164 -8.17 -45.83 -20.35
CA GLY B 164 -9.28 -46.33 -19.56
C GLY B 164 -8.95 -46.43 -18.10
N GLN B 165 -7.75 -45.99 -17.69
CA GLN B 165 -7.35 -46.06 -16.27
C GLN B 165 -8.03 -44.98 -15.45
N PHE B 166 -8.46 -45.37 -14.26
CA PHE B 166 -9.05 -44.50 -13.26
C PHE B 166 -7.99 -44.06 -12.25
N PRO B 167 -8.19 -42.92 -11.57
CA PRO B 167 -7.37 -42.57 -10.43
C PRO B 167 -7.48 -43.62 -9.36
N ASP B 168 -6.45 -43.68 -8.53
CA ASP B 168 -6.35 -44.71 -7.47
C ASP B 168 -5.91 -43.96 -6.24
N PRO B 169 -6.79 -43.82 -5.24
CA PRO B 169 -6.32 -43.06 -4.05
C PRO B 169 -5.07 -43.71 -3.44
N ASP B 170 -4.80 -44.99 -3.72
CA ASP B 170 -3.58 -45.62 -3.15
C ASP B 170 -2.29 -44.95 -3.59
N SER B 171 -2.38 -44.20 -4.67
CA SER B 171 -1.22 -43.52 -5.27
C SER B 171 -0.67 -42.33 -4.54
N THR B 172 -1.39 -41.89 -3.53
CA THR B 172 -0.99 -40.71 -2.78
C THR B 172 -1.11 -41.00 -1.30
N ASP B 173 -0.22 -40.39 -0.54
CA ASP B 173 -0.25 -40.52 0.90
C ASP B 173 -0.87 -39.32 1.60
N ASN B 174 -1.23 -38.34 0.77
CA ASN B 174 -1.89 -37.13 1.23
C ASN B 174 -3.34 -37.50 1.49
N ALA B 175 -3.77 -37.42 2.74
CA ALA B 175 -5.10 -37.87 3.13
C ALA B 175 -6.23 -37.18 2.36
N GLU B 176 -6.08 -35.88 2.23
CA GLU B 176 -7.09 -35.10 1.51
C GLU B 176 -7.09 -35.41 0.03
N PHE B 177 -5.91 -35.56 -0.54
CA PHE B 177 -5.87 -35.84 -1.97
C PHE B 177 -6.40 -37.23 -2.31
N LYS B 178 -6.31 -38.16 -1.37
CA LYS B 178 -6.99 -39.41 -1.55
C LYS B 178 -8.48 -39.25 -1.77
N ILE B 179 -9.07 -38.34 -0.99
CA ILE B 179 -10.47 -38.03 -1.12
C ILE B 179 -10.79 -37.46 -2.50
N VAL B 180 -9.96 -36.54 -2.94
CA VAL B 180 -10.15 -35.92 -4.25
C VAL B 180 -10.04 -36.95 -5.39
N LEU B 181 -9.03 -37.79 -5.33
CA LEU B 181 -8.91 -38.82 -6.35
C LEU B 181 -10.08 -39.79 -6.35
N SER B 182 -10.58 -40.13 -5.16
CA SER B 182 -11.80 -40.96 -5.04
CA SER B 182 -11.76 -40.99 -5.11
C SER B 182 -13.02 -40.32 -5.70
N ILE B 183 -13.20 -39.02 -5.45
CA ILE B 183 -14.33 -38.28 -6.03
C ILE B 183 -14.20 -38.36 -7.55
N ILE B 184 -13.00 -38.12 -8.05
CA ILE B 184 -12.85 -38.09 -9.49
C ILE B 184 -13.10 -39.50 -10.06
N LYS B 185 -12.53 -40.52 -9.42
CA LYS B 185 -12.73 -41.92 -9.85
C LYS B 185 -14.22 -42.22 -9.99
N GLU B 186 -15.00 -41.96 -8.93
CA GLU B 186 -16.41 -42.32 -8.97
C GLU B 186 -17.12 -41.43 -10.00
N GLY B 187 -16.65 -40.20 -10.20
CA GLY B 187 -17.22 -39.30 -11.18
C GLY B 187 -16.99 -39.73 -12.64
N LEU B 188 -15.94 -40.48 -12.88
CA LEU B 188 -15.73 -41.00 -14.23
C LEU B 188 -16.75 -42.05 -14.58
N LYS B 189 -17.39 -42.67 -13.57
CA LYS B 189 -18.41 -43.66 -13.82
C LYS B 189 -19.70 -43.01 -14.29
N THR B 190 -19.93 -41.75 -13.94
CA THR B 190 -21.15 -41.04 -14.32
C THR B 190 -20.98 -40.12 -15.56
N ASP B 191 -19.84 -39.45 -15.68
CA ASP B 191 -19.59 -38.56 -16.80
C ASP B 191 -18.11 -38.35 -17.01
N PRO B 192 -17.51 -39.24 -17.81
CA PRO B 192 -16.08 -39.20 -18.02
C PRO B 192 -15.54 -38.07 -18.89
N LYS B 193 -16.40 -37.18 -19.35
N LYS B 193 -16.45 -37.21 -19.36
CA LYS B 193 -15.96 -35.99 -20.05
CA LYS B 193 -16.15 -36.03 -20.14
C LYS B 193 -16.55 -34.72 -19.40
C LYS B 193 -16.46 -34.73 -19.38
N ARG B 194 -16.92 -34.84 -18.13
CA ARG B 194 -17.42 -33.74 -17.33
CA ARG B 194 -17.48 -33.68 -17.46
C ARG B 194 -16.49 -32.53 -17.42
N TYR B 195 -15.23 -32.79 -17.08
CA TYR B 195 -14.25 -31.69 -16.93
C TYR B 195 -13.73 -31.18 -18.24
N HIS B 196 -13.67 -32.04 -19.24
CA HIS B 196 -13.33 -31.60 -20.59
C HIS B 196 -14.39 -30.71 -21.14
N LYS B 197 -15.65 -31.03 -20.90
CA LYS B 197 -16.70 -30.16 -21.35
C LYS B 197 -16.60 -28.81 -20.65
N MET B 198 -16.45 -28.89 -19.35
N MET B 198 -16.09 -28.78 -19.42
CA MET B 198 -16.40 -27.72 -18.52
CA MET B 198 -15.82 -27.48 -18.69
C MET B 198 -15.31 -26.80 -19.11
C MET B 198 -14.59 -26.80 -19.27
N LYS B 199 -14.11 -27.31 -19.36
N LYS B 199 -13.53 -27.54 -19.50
CA LYS B 199 -12.99 -26.43 -19.78
CA LYS B 199 -12.40 -26.97 -20.21
C LYS B 199 -13.00 -26.00 -21.26
C LYS B 199 -12.99 -26.02 -21.21
N ASP B 200 -13.91 -26.57 -22.01
CA ASP B 200 -14.27 -25.97 -23.27
C ASP B 200 -15.28 -24.83 -23.14
N ARG B 201 -16.10 -24.84 -22.10
CA ARG B 201 -17.18 -23.90 -21.91
C ARG B 201 -16.86 -22.77 -20.90
N VAL B 202 -16.09 -23.07 -19.85
CA VAL B 202 -15.80 -22.05 -18.84
C VAL B 202 -15.11 -20.84 -19.43
N VAL B 203 -15.74 -19.73 -19.14
N VAL B 203 -15.64 -19.65 -19.20
CA VAL B 203 -15.33 -18.41 -19.57
CA VAL B 203 -15.02 -18.41 -19.72
C VAL B 203 -14.13 -17.91 -18.74
C VAL B 203 -14.13 -17.71 -18.71
N GLY B 204 -14.19 -18.14 -17.43
CA GLY B 204 -13.17 -17.73 -16.50
C GLY B 204 -13.55 -17.96 -15.06
N VAL B 205 -12.57 -17.78 -14.19
CA VAL B 205 -12.73 -17.83 -12.77
C VAL B 205 -12.35 -16.47 -12.19
N SER B 206 -13.07 -16.02 -11.17
CA SER B 206 -12.65 -14.90 -10.37
C SER B 206 -12.31 -15.37 -8.97
N GLU B 207 -11.09 -15.09 -8.51
CA GLU B 207 -10.51 -15.67 -7.30
C GLU B 207 -10.40 -14.63 -6.20
N GLU B 208 -10.95 -14.98 -5.04
CA GLU B 208 -11.07 -14.12 -3.89
C GLU B 208 -9.81 -13.83 -3.11
N THR B 209 -8.88 -14.79 -2.95
CA THR B 209 -7.95 -14.64 -1.87
C THR B 209 -6.51 -14.88 -2.27
N THR B 210 -5.59 -14.38 -1.43
CA THR B 210 -4.16 -14.39 -1.71
C THR B 210 -3.68 -15.80 -2.08
N THR B 211 -4.03 -16.79 -1.27
CA THR B 211 -3.53 -18.15 -1.55
C THR B 211 -4.09 -18.72 -2.80
N GLY B 212 -5.36 -18.41 -3.12
CA GLY B 212 -5.90 -18.85 -4.39
C GLY B 212 -5.18 -18.26 -5.59
N VAL B 213 -4.82 -17.00 -5.46
CA VAL B 213 -4.09 -16.34 -6.53
C VAL B 213 -2.68 -16.95 -6.67
N LYS B 214 -2.03 -17.34 -5.56
CA LYS B 214 -0.76 -18.05 -5.66
C LYS B 214 -0.91 -19.30 -6.49
N ARG B 215 -1.95 -20.05 -6.21
CA ARG B 215 -2.22 -21.28 -6.97
C ARG B 215 -2.42 -20.99 -8.45
N LEU B 216 -3.13 -19.92 -8.78
CA LEU B 216 -3.35 -19.57 -10.19
C LEU B 216 -2.04 -19.22 -10.90
N TYR B 217 -1.16 -18.48 -10.22
CA TYR B 217 0.14 -18.17 -10.87
C TYR B 217 0.97 -19.42 -11.07
N GLN B 218 0.86 -20.41 -10.16
CA GLN B 218 1.61 -21.65 -10.34
C GLN B 218 1.12 -22.35 -11.61
N MET B 219 -0.17 -22.32 -11.86
CA MET B 219 -0.73 -22.94 -13.07
C MET B 219 -0.44 -22.13 -14.32
N GLN B 220 -0.39 -20.83 -14.21
CA GLN B 220 0.00 -20.07 -15.35
C GLN B 220 1.48 -20.34 -15.68
N ALA B 221 2.33 -20.42 -14.67
CA ALA B 221 3.80 -20.58 -14.88
C ALA B 221 4.10 -21.92 -15.49
N ASN B 222 3.33 -22.93 -15.14
CA ASN B 222 3.55 -24.28 -15.66
C ASN B 222 2.78 -24.58 -16.93
N GLY B 223 2.03 -23.60 -17.40
CA GLY B 223 1.26 -23.77 -18.62
C GLY B 223 0.04 -24.65 -18.49
N THR B 224 -0.46 -24.90 -17.29
CA THR B 224 -1.62 -25.77 -17.13
C THR B 224 -2.93 -25.03 -16.95
N LEU B 225 -2.89 -23.72 -16.71
CA LEU B 225 -4.10 -23.02 -16.43
C LEU B 225 -5.04 -23.12 -17.62
N LEU B 226 -6.27 -23.53 -17.38
CA LEU B 226 -7.18 -23.87 -18.46
C LEU B 226 -8.08 -22.76 -18.97
N PHE B 227 -8.19 -21.68 -18.23
CA PHE B 227 -9.15 -20.60 -18.59
C PHE B 227 -8.64 -19.33 -17.94
N PRO B 228 -9.15 -18.19 -18.38
CA PRO B 228 -8.78 -16.92 -17.75
C PRO B 228 -9.16 -16.82 -16.32
N ALA B 229 -8.38 -16.03 -15.59
CA ALA B 229 -8.62 -15.77 -14.18
C ALA B 229 -8.54 -14.28 -13.91
N ILE B 230 -9.49 -13.78 -13.11
CA ILE B 230 -9.33 -12.45 -12.55
CA ILE B 230 -9.45 -12.44 -12.53
C ILE B 230 -9.03 -12.59 -11.09
N ASN B 231 -7.90 -11.97 -10.73
CA ASN B 231 -7.43 -11.86 -9.36
C ASN B 231 -8.19 -10.73 -8.69
N VAL B 232 -9.26 -11.06 -8.00
CA VAL B 232 -10.04 -10.09 -7.21
C VAL B 232 -9.29 -9.67 -5.95
N ASN B 233 -8.52 -10.57 -5.33
CA ASN B 233 -7.83 -10.24 -4.11
C ASN B 233 -7.05 -8.95 -4.26
N ASP B 234 -6.38 -8.76 -5.39
CA ASP B 234 -5.43 -7.66 -5.55
CA ASP B 234 -5.48 -7.64 -5.55
C ASP B 234 -6.06 -6.37 -6.12
N SER B 235 -7.39 -6.30 -6.22
CA SER B 235 -7.99 -4.98 -6.29
C SER B 235 -7.59 -4.26 -4.99
N VAL B 236 -7.36 -2.96 -5.08
CA VAL B 236 -7.04 -2.20 -3.88
C VAL B 236 -8.20 -2.27 -2.89
N THR B 237 -9.41 -2.19 -3.42
CA THR B 237 -10.64 -2.21 -2.64
C THR B 237 -11.00 -3.59 -2.11
N LYS B 238 -10.15 -4.59 -2.36
CA LYS B 238 -10.23 -5.87 -1.72
C LYS B 238 -9.04 -6.03 -0.71
N SER B 239 -7.83 -6.21 -1.22
CA SER B 239 -6.64 -6.41 -0.40
C SER B 239 -6.47 -5.44 0.71
N LYS B 240 -6.69 -4.16 0.47
CA LYS B 240 -6.39 -3.08 1.43
CA LYS B 240 -6.37 -3.14 1.47
C LYS B 240 -7.57 -2.78 2.34
N PHE B 241 -8.65 -3.52 2.18
CA PHE B 241 -9.87 -3.30 2.96
C PHE B 241 -10.24 -4.61 3.64
N ASP B 242 -10.71 -5.60 2.90
CA ASP B 242 -11.05 -6.93 3.45
C ASP B 242 -9.88 -7.54 4.23
N ASN B 243 -8.73 -7.66 3.60
CA ASN B 243 -7.71 -8.44 4.23
C ASN B 243 -7.26 -7.78 5.55
N LEU B 244 -7.22 -6.44 5.50
CA LEU B 244 -6.78 -5.51 6.56
CA LEU B 244 -6.75 -5.60 6.60
C LEU B 244 -7.88 -5.27 7.57
N TYR B 245 -8.84 -4.46 7.18
CA TYR B 245 -9.91 -4.06 8.10
C TYR B 245 -10.88 -5.17 8.38
N GLY B 246 -11.07 -6.11 7.47
CA GLY B 246 -11.88 -7.21 7.74
C GLY B 246 -11.35 -8.03 8.89
N CYS B 247 -10.06 -8.39 8.84
CA CYS B 247 -9.46 -9.13 9.93
C CYS B 247 -9.39 -8.35 11.23
N ARG B 248 -9.21 -7.03 11.11
CA ARG B 248 -9.24 -6.20 12.30
C ARG B 248 -10.54 -6.35 13.08
N HIS B 249 -11.63 -6.61 12.35
CA HIS B 249 -12.91 -6.92 12.93
C HIS B 249 -13.03 -8.39 13.40
N SER B 250 -12.79 -9.31 12.46
CA SER B 250 -13.15 -10.69 12.66
C SER B 250 -12.16 -11.53 13.48
N LEU B 251 -10.89 -11.13 13.56
CA LEU B 251 -9.96 -11.79 14.46
CA LEU B 251 -9.94 -11.79 14.45
C LEU B 251 -10.42 -11.67 15.91
N PRO B 252 -10.64 -10.46 16.45
CA PRO B 252 -11.07 -10.42 17.86
C PRO B 252 -12.43 -11.06 18.06
N ASP B 253 -13.32 -10.96 17.08
CA ASP B 253 -14.60 -11.62 17.19
C ASP B 253 -14.41 -13.14 17.35
N GLY B 254 -13.57 -13.75 16.52
CA GLY B 254 -13.31 -15.18 16.66
C GLY B 254 -12.73 -15.53 18.01
N LEU B 255 -11.78 -14.73 18.50
CA LEU B 255 -11.16 -15.02 19.79
C LEU B 255 -12.21 -14.93 20.91
N MET B 256 -13.02 -13.89 20.88
CA MET B 256 -13.95 -13.67 21.96
CA MET B 256 -13.99 -13.66 21.91
C MET B 256 -15.03 -14.75 21.93
N ARG B 257 -15.59 -15.08 20.77
CA ARG B 257 -16.62 -16.10 20.78
C ARG B 257 -16.06 -17.44 21.20
N ALA B 258 -14.83 -17.80 20.72
CA ALA B 258 -14.36 -19.13 20.95
C ALA B 258 -13.88 -19.37 22.36
N THR B 259 -13.41 -18.32 23.03
CA THR B 259 -12.74 -18.47 24.29
C THR B 259 -13.18 -17.51 25.36
N ASP B 260 -13.75 -16.38 24.97
CA ASP B 260 -14.09 -15.34 25.90
C ASP B 260 -12.91 -14.74 26.61
N VAL B 261 -11.70 -14.98 26.13
CA VAL B 261 -10.48 -14.55 26.86
C VAL B 261 -10.36 -13.02 26.76
N MET B 262 -9.88 -12.40 27.83
CA MET B 262 -9.48 -11.01 27.82
C MET B 262 -8.23 -10.92 26.97
N ILE B 263 -8.27 -10.06 25.96
CA ILE B 263 -7.14 -9.77 25.12
C ILE B 263 -6.21 -8.73 25.76
N ALA B 264 -6.83 -7.74 26.40
CA ALA B 264 -6.11 -6.73 27.15
C ALA B 264 -5.20 -7.39 28.16
N GLY B 265 -3.96 -6.92 28.22
CA GLY B 265 -2.99 -7.41 29.18
C GLY B 265 -2.22 -8.59 28.75
N LYS B 266 -2.59 -9.23 27.64
CA LYS B 266 -1.91 -10.43 27.16
C LYS B 266 -0.76 -10.06 26.22
N VAL B 267 0.07 -11.07 25.95
CA VAL B 267 1.05 -11.05 24.87
C VAL B 267 0.51 -11.88 23.72
N ALA B 268 0.44 -11.30 22.54
CA ALA B 268 -0.07 -11.98 21.36
C ALA B 268 0.98 -11.98 20.27
N VAL B 269 1.20 -13.12 19.67
CA VAL B 269 2.11 -13.27 18.57
C VAL B 269 1.34 -13.37 17.28
N VAL B 270 1.69 -12.52 16.31
CA VAL B 270 1.14 -12.54 14.99
C VAL B 270 2.26 -12.96 14.04
N ALA B 271 2.11 -14.14 13.45
CA ALA B 271 3.07 -14.61 12.48
C ALA B 271 2.64 -14.10 11.13
N GLY B 272 3.49 -13.28 10.55
CA GLY B 272 3.26 -12.58 9.31
C GLY B 272 2.71 -11.17 9.54
N TYR B 273 3.05 -10.30 8.63
CA TYR B 273 2.70 -8.89 8.71
C TYR B 273 2.42 -8.35 7.32
N GLY B 274 1.73 -9.17 6.52
CA GLY B 274 1.12 -8.73 5.27
C GLY B 274 -0.19 -8.06 5.59
N ASP B 275 -1.14 -8.10 4.68
CA ASP B 275 -2.40 -7.36 4.94
C ASP B 275 -3.16 -7.97 6.09
N VAL B 276 -3.26 -9.31 6.14
CA VAL B 276 -3.97 -9.97 7.20
C VAL B 276 -3.25 -9.75 8.52
N GLY B 277 -1.93 -9.95 8.56
CA GLY B 277 -1.21 -9.74 9.79
C GLY B 277 -1.27 -8.34 10.32
N LYS B 278 -1.25 -7.35 9.41
CA LYS B 278 -1.39 -5.95 9.77
C LYS B 278 -2.74 -5.75 10.47
N GLY B 279 -3.82 -6.30 9.93
CA GLY B 279 -5.11 -6.12 10.53
C GLY B 279 -5.29 -6.86 11.84
N CYS B 280 -4.70 -8.03 11.92
CA CYS B 280 -4.75 -8.81 13.17
C CYS B 280 -3.96 -8.07 14.27
N ALA B 281 -2.73 -7.66 13.96
CA ALA B 281 -1.91 -6.95 14.92
C ALA B 281 -2.62 -5.68 15.37
N ALA B 282 -3.25 -4.98 14.45
CA ALA B 282 -3.99 -3.78 14.80
C ALA B 282 -5.06 -4.08 15.79
N ALA B 283 -5.86 -5.09 15.53
CA ALA B 283 -6.94 -5.44 16.46
C ALA B 283 -6.39 -5.77 17.85
N LEU B 284 -5.35 -6.58 17.88
CA LEU B 284 -4.80 -7.04 19.15
C LEU B 284 -4.25 -5.89 19.94
N LYS B 285 -3.50 -5.03 19.29
CA LYS B 285 -2.95 -3.91 20.00
CA LYS B 285 -2.94 -3.83 19.90
C LYS B 285 -4.04 -2.92 20.42
N GLN B 286 -5.03 -2.70 19.57
CA GLN B 286 -6.22 -1.88 19.87
CA GLN B 286 -6.06 -1.78 19.98
C GLN B 286 -6.93 -2.35 21.13
N ALA B 287 -6.95 -3.65 21.34
CA ALA B 287 -7.65 -4.28 22.42
C ALA B 287 -6.81 -4.31 23.71
N GLY B 288 -5.55 -3.89 23.63
CA GLY B 288 -4.71 -3.82 24.79
C GLY B 288 -3.75 -4.97 24.98
N ALA B 289 -3.61 -5.83 23.98
CA ALA B 289 -2.52 -6.80 24.00
C ALA B 289 -1.24 -6.15 23.57
N ARG B 290 -0.15 -6.79 24.02
CA ARG B 290 1.19 -6.47 23.57
C ARG B 290 1.55 -7.43 22.45
N VAL B 291 1.72 -6.89 21.25
CA VAL B 291 1.81 -7.71 20.05
C VAL B 291 3.26 -7.84 19.61
N ILE B 292 3.65 -9.09 19.35
CA ILE B 292 4.94 -9.44 18.82
C ILE B 292 4.70 -10.05 17.44
N VAL B 293 5.41 -9.57 16.44
CA VAL B 293 5.29 -10.00 15.07
C VAL B 293 6.47 -10.86 14.67
N THR B 294 6.21 -11.93 13.92
CA THR B 294 7.26 -12.62 13.20
C THR B 294 7.14 -12.34 11.71
N GLU B 295 8.27 -12.28 11.02
CA GLU B 295 8.27 -12.01 9.59
C GLU B 295 9.51 -12.55 8.98
N ILE B 296 9.41 -12.84 7.69
CA ILE B 296 10.52 -13.18 6.81
C ILE B 296 10.89 -12.05 5.88
N ASP B 297 10.03 -11.06 5.75
CA ASP B 297 10.21 -9.98 4.77
C ASP B 297 10.67 -8.73 5.52
N PRO B 298 11.87 -8.25 5.19
CA PRO B 298 12.42 -7.13 5.97
C PRO B 298 11.62 -5.85 5.88
N ILE B 299 10.97 -5.64 4.75
CA ILE B 299 10.12 -4.46 4.60
C ILE B 299 8.93 -4.54 5.56
N CYS B 300 8.26 -5.70 5.55
CA CYS B 300 7.11 -5.86 6.46
C CYS B 300 7.55 -5.80 7.91
N ALA B 301 8.73 -6.37 8.22
CA ALA B 301 9.24 -6.31 9.59
C ALA B 301 9.50 -4.85 10.00
N LEU B 302 10.06 -4.07 9.09
CA LEU B 302 10.35 -2.68 9.41
C LEU B 302 9.03 -1.90 9.62
N GLN B 303 8.02 -2.18 8.80
CA GLN B 303 6.71 -1.61 9.00
C GLN B 303 6.18 -1.88 10.40
N ALA B 304 6.29 -3.14 10.85
CA ALA B 304 5.78 -3.50 12.17
C ALA B 304 6.50 -2.69 13.25
N THR B 305 7.79 -2.57 13.13
N THR B 305 7.81 -2.52 13.07
CA THR B 305 8.56 -1.89 14.15
CA THR B 305 8.55 -1.79 14.09
C THR B 305 8.13 -0.34 14.20
C THR B 305 8.15 -0.40 14.20
N MET B 306 7.87 0.21 13.05
CA MET B 306 7.34 1.62 12.90
CA MET B 306 7.52 1.59 13.04
C MET B 306 6.06 1.83 13.58
N GLU B 307 5.28 0.78 13.73
CA GLU B 307 4.01 0.79 14.40
C GLU B 307 4.13 0.38 15.86
N GLY B 308 5.35 0.33 16.38
CA GLY B 308 5.54 0.09 17.77
C GLY B 308 5.44 -1.32 18.22
N LEU B 309 5.59 -2.27 17.30
CA LEU B 309 5.47 -3.70 17.56
C LEU B 309 6.86 -4.29 17.56
N GLN B 310 7.11 -5.19 18.49
CA GLN B 310 8.35 -5.96 18.55
C GLN B 310 8.37 -7.03 17.47
N VAL B 311 9.49 -7.21 16.80
CA VAL B 311 9.66 -8.26 15.80
C VAL B 311 10.73 -9.24 16.31
N LEU B 312 10.30 -10.47 16.48
CA LEU B 312 11.14 -11.55 16.99
C LEU B 312 10.84 -12.77 16.18
N THR B 313 11.70 -13.78 16.37
CA THR B 313 11.37 -15.12 15.86
C THR B 313 10.45 -15.82 16.88
N LEU B 314 9.69 -16.80 16.35
CA LEU B 314 8.77 -17.50 17.23
C LEU B 314 9.44 -18.13 18.46
N GLU B 315 10.62 -18.67 18.21
CA GLU B 315 11.34 -19.37 19.23
C GLU B 315 11.60 -18.48 20.44
N ASP B 316 11.72 -17.18 20.22
CA ASP B 316 12.04 -16.18 21.26
CA ASP B 316 12.06 -16.30 21.35
C ASP B 316 10.91 -15.97 22.22
N VAL B 317 9.68 -16.28 21.76
CA VAL B 317 8.47 -15.87 22.47
C VAL B 317 7.49 -16.99 22.78
N VAL B 318 7.79 -18.21 22.32
CA VAL B 318 6.82 -19.26 22.38
C VAL B 318 6.42 -19.64 23.81
N SER B 319 7.32 -19.53 24.77
CA SER B 319 6.97 -19.89 26.13
CA SER B 319 6.90 -19.93 26.11
C SER B 319 6.24 -18.82 26.91
N GLU B 320 6.23 -17.61 26.40
CA GLU B 320 5.70 -16.42 27.07
C GLU B 320 4.33 -16.00 26.58
N ALA B 321 4.08 -16.21 25.30
CA ALA B 321 2.88 -15.61 24.72
C ALA B 321 1.63 -16.34 25.10
N ASP B 322 0.53 -15.59 25.08
CA ASP B 322 -0.79 -16.08 25.44
C ASP B 322 -1.67 -16.45 24.28
N ILE B 323 -1.44 -15.79 23.15
CA ILE B 323 -2.25 -15.95 21.94
C ILE B 323 -1.30 -15.99 20.79
N PHE B 324 -1.52 -16.91 19.84
CA PHE B 324 -0.73 -17.05 18.61
C PHE B 324 -1.68 -17.06 17.45
N VAL B 325 -1.40 -16.23 16.42
CA VAL B 325 -2.24 -16.11 15.25
C VAL B 325 -1.35 -16.20 14.01
N THR B 326 -1.62 -17.19 13.18
CA THR B 326 -0.85 -17.34 11.94
C THR B 326 -1.62 -16.69 10.80
N THR B 327 -0.87 -15.91 10.01
CA THR B 327 -1.44 -15.08 8.95
C THR B 327 -0.69 -15.19 7.63
N THR B 328 0.10 -16.23 7.46
CA THR B 328 1.16 -16.21 6.49
C THR B 328 0.79 -16.68 5.09
N GLY B 329 -0.13 -17.62 4.94
CA GLY B 329 -0.29 -18.29 3.69
C GLY B 329 0.78 -19.31 3.41
N ASN B 330 1.63 -19.57 4.38
CA ASN B 330 2.75 -20.51 4.26
C ASN B 330 2.49 -21.67 5.24
N LYS B 331 3.32 -22.70 5.12
CA LYS B 331 3.27 -23.90 5.90
CA LYS B 331 3.14 -23.82 5.99
C LYS B 331 4.22 -23.86 7.06
N ASP B 332 3.93 -24.70 8.04
CA ASP B 332 4.86 -25.05 9.08
C ASP B 332 5.35 -23.86 9.90
N ILE B 333 4.40 -23.06 10.34
CA ILE B 333 4.71 -21.88 11.13
C ILE B 333 4.81 -22.23 12.61
N ILE B 334 3.81 -22.95 13.14
CA ILE B 334 3.76 -23.34 14.56
C ILE B 334 3.78 -24.87 14.58
N MET B 335 4.95 -25.41 14.91
CA MET B 335 5.16 -26.85 14.88
C MET B 335 4.87 -27.46 16.24
N LEU B 336 4.75 -28.77 16.28
CA LEU B 336 4.58 -29.46 17.53
CA LEU B 336 4.61 -29.46 17.53
C LEU B 336 5.67 -29.07 18.53
N ASP B 337 6.91 -28.96 18.09
CA ASP B 337 7.95 -28.64 19.05
CA ASP B 337 8.00 -28.58 18.97
C ASP B 337 7.75 -27.26 19.67
N HIS B 338 7.13 -26.31 18.94
CA HIS B 338 6.73 -25.02 19.52
C HIS B 338 5.62 -25.20 20.51
N MET B 339 4.59 -25.97 20.15
CA MET B 339 3.45 -26.08 21.02
CA MET B 339 3.46 -26.19 20.99
C MET B 339 3.80 -26.76 22.33
N LYS B 340 4.80 -27.67 22.33
CA LYS B 340 5.27 -28.28 23.57
C LYS B 340 5.90 -27.30 24.54
N LYS B 341 6.25 -26.10 24.08
CA LYS B 341 6.85 -25.09 24.92
C LYS B 341 5.85 -24.06 25.42
N MET B 342 4.62 -24.10 24.93
CA MET B 342 3.65 -23.08 25.25
C MET B 342 3.12 -23.24 26.65
N LYS B 343 2.69 -22.12 27.23
CA LYS B 343 2.09 -22.15 28.56
C LYS B 343 0.71 -22.79 28.55
N ASN B 344 0.25 -23.18 29.74
CA ASN B 344 -1.08 -23.70 29.88
C ASN B 344 -2.11 -22.74 29.35
N ASN B 345 -2.95 -23.24 28.45
CA ASN B 345 -4.07 -22.57 27.86
C ASN B 345 -3.71 -21.45 26.90
N ALA B 346 -2.47 -21.46 26.40
CA ALA B 346 -2.17 -20.63 25.24
C ALA B 346 -3.18 -20.92 24.14
N ILE B 347 -3.61 -19.87 23.46
CA ILE B 347 -4.55 -19.96 22.37
C ILE B 347 -3.80 -19.94 21.07
N VAL B 348 -4.08 -20.88 20.17
CA VAL B 348 -3.33 -21.04 18.94
C VAL B 348 -4.35 -21.12 17.80
N CYS B 349 -4.22 -20.22 16.82
CA CYS B 349 -5.18 -20.14 15.73
C CYS B 349 -4.54 -19.68 14.46
N ASN B 350 -5.27 -19.94 13.39
CA ASN B 350 -4.84 -19.68 12.03
C ASN B 350 -5.94 -18.89 11.34
N ILE B 351 -5.58 -17.79 10.76
CA ILE B 351 -6.50 -16.98 9.95
C ILE B 351 -6.05 -16.85 8.52
N GLY B 352 -4.97 -17.57 8.18
CA GLY B 352 -4.41 -17.51 6.86
C GLY B 352 -4.96 -18.52 5.92
N HIS B 353 -4.45 -19.73 5.93
CA HIS B 353 -4.91 -20.70 4.93
C HIS B 353 -4.80 -22.13 5.42
N PHE B 354 -5.70 -22.94 4.87
CA PHE B 354 -5.71 -24.37 4.98
C PHE B 354 -5.63 -24.78 6.44
N ASP B 355 -4.92 -25.87 6.70
CA ASP B 355 -4.84 -26.51 7.99
CA ASP B 355 -4.79 -26.35 8.09
C ASP B 355 -3.37 -26.75 8.38
N ASN B 356 -2.43 -26.13 7.66
CA ASN B 356 -1.02 -26.47 7.78
C ASN B 356 -0.11 -25.35 8.24
N GLU B 357 -0.67 -24.19 8.63
CA GLU B 357 0.14 -23.16 9.28
C GLU B 357 0.54 -23.63 10.67
N ILE B 358 -0.43 -24.17 11.40
CA ILE B 358 -0.21 -24.89 12.64
C ILE B 358 -0.07 -26.39 12.30
N ASP B 359 0.87 -27.06 12.98
CA ASP B 359 1.16 -28.46 12.73
C ASP B 359 0.12 -29.38 13.39
N MET B 360 -1.06 -29.36 12.83
CA MET B 360 -2.14 -30.20 13.34
C MET B 360 -1.80 -31.68 13.20
N LEU B 361 -1.10 -32.05 12.15
CA LEU B 361 -0.70 -33.47 11.99
C LEU B 361 0.21 -33.91 13.12
N GLY B 362 1.21 -33.11 13.41
CA GLY B 362 2.11 -33.41 14.51
C GLY B 362 1.45 -33.43 15.87
N LEU B 363 0.53 -32.52 16.07
CA LEU B 363 -0.25 -32.52 17.29
C LEU B 363 -1.02 -33.83 17.47
N GLU B 364 -1.68 -34.27 16.40
CA GLU B 364 -2.54 -35.47 16.42
C GLU B 364 -1.79 -36.69 16.90
N THR B 365 -0.56 -36.83 16.46
CA THR B 365 0.26 -38.00 16.74
C THR B 365 1.21 -37.83 17.91
N HIS B 366 1.12 -36.73 18.66
CA HIS B 366 2.01 -36.55 19.78
C HIS B 366 1.70 -37.60 20.85
N PRO B 367 2.66 -38.41 21.28
CA PRO B 367 2.32 -39.48 22.20
C PRO B 367 1.63 -39.00 23.46
N GLY B 368 0.53 -39.67 23.81
CA GLY B 368 -0.18 -39.41 25.04
C GLY B 368 -1.04 -38.15 25.06
N VAL B 369 -1.06 -37.40 23.95
CA VAL B 369 -1.86 -36.17 23.92
C VAL B 369 -3.33 -36.53 24.01
N LYS B 370 -4.10 -35.62 24.58
CA LYS B 370 -5.54 -35.82 24.71
C LYS B 370 -6.27 -34.59 24.22
N ARG B 371 -7.15 -34.73 23.23
CA ARG B 371 -7.97 -33.64 22.73
C ARG B 371 -9.28 -33.62 23.55
N ILE B 372 -9.56 -32.51 24.17
CA ILE B 372 -10.77 -32.31 24.92
C ILE B 372 -11.55 -31.17 24.20
N THR B 373 -12.68 -31.48 23.63
CA THR B 373 -13.48 -30.48 22.96
C THR B 373 -14.26 -29.69 24.01
N ILE B 374 -14.03 -28.39 24.05
CA ILE B 374 -14.72 -27.50 24.96
C ILE B 374 -16.14 -27.23 24.46
N LYS B 375 -16.22 -26.96 23.15
CA LYS B 375 -17.41 -26.72 22.38
C LYS B 375 -17.00 -26.71 20.95
N PRO B 376 -17.96 -26.72 20.02
CA PRO B 376 -17.53 -26.82 18.62
C PRO B 376 -16.55 -25.71 18.26
N GLN B 377 -15.43 -26.16 17.68
CA GLN B 377 -14.32 -25.32 17.21
C GLN B 377 -13.44 -24.69 18.26
N THR B 378 -13.61 -25.12 19.52
CA THR B 378 -12.65 -24.80 20.60
C THR B 378 -12.21 -26.10 21.24
N ASP B 379 -10.96 -26.48 21.04
N ASP B 379 -10.98 -26.50 20.97
CA ASP B 379 -10.43 -27.74 21.53
CA ASP B 379 -10.40 -27.74 21.49
C ASP B 379 -9.19 -27.55 22.34
C ASP B 379 -9.25 -27.42 22.43
N ARG B 380 -9.17 -28.14 23.53
CA ARG B 380 -8.00 -28.06 24.44
C ARG B 380 -7.24 -29.36 24.31
N TRP B 381 -6.02 -29.25 23.82
CA TRP B 381 -5.13 -30.41 23.64
C TRP B 381 -4.19 -30.44 24.81
N VAL B 382 -4.25 -31.54 25.59
CA VAL B 382 -3.51 -31.68 26.83
C VAL B 382 -2.25 -32.49 26.56
N PHE B 383 -1.13 -31.85 26.88
CA PHE B 383 0.20 -32.46 26.80
C PHE B 383 0.49 -33.23 28.07
N PRO B 384 0.83 -34.52 27.94
CA PRO B 384 0.97 -35.35 29.09
C PRO B 384 2.21 -34.98 29.94
N GLU B 385 3.22 -34.44 29.28
CA GLU B 385 4.50 -34.14 29.91
C GLU B 385 4.32 -33.16 31.04
N THR B 386 3.38 -32.23 30.86
CA THR B 386 3.18 -31.11 31.76
C THR B 386 1.81 -31.07 32.36
N ASN B 387 0.88 -31.87 31.87
CA ASN B 387 -0.54 -31.74 32.26
C ASN B 387 -1.03 -30.32 32.07
N THR B 388 -0.62 -29.74 30.95
CA THR B 388 -1.11 -28.46 30.53
C THR B 388 -1.63 -28.56 29.14
N GLY B 389 -2.42 -27.58 28.74
CA GLY B 389 -3.09 -27.59 27.47
C GLY B 389 -2.75 -26.45 26.57
N ILE B 390 -3.11 -26.62 25.31
CA ILE B 390 -3.19 -25.47 24.40
C ILE B 390 -4.59 -25.50 23.82
N ILE B 391 -5.08 -24.34 23.47
CA ILE B 391 -6.44 -24.17 22.94
C ILE B 391 -6.30 -23.93 21.46
N ILE B 392 -6.73 -24.90 20.65
CA ILE B 392 -6.69 -24.80 19.21
C ILE B 392 -8.09 -24.38 18.72
N LEU B 393 -8.14 -23.36 17.88
CA LEU B 393 -9.40 -22.89 17.34
C LEU B 393 -9.63 -23.48 15.96
N ALA B 394 -10.86 -23.91 15.74
CA ALA B 394 -11.31 -24.39 14.42
C ALA B 394 -10.41 -25.42 13.78
N GLU B 395 -9.84 -26.29 14.62
CA GLU B 395 -8.98 -27.37 14.12
C GLU B 395 -7.86 -26.83 13.27
N GLY B 396 -7.41 -25.62 13.55
CA GLY B 396 -6.34 -25.04 12.77
C GLY B 396 -6.69 -24.44 11.44
N ARG B 397 -7.98 -24.36 11.12
CA ARG B 397 -8.53 -23.78 9.91
C ARG B 397 -9.03 -22.37 10.25
N LEU B 398 -9.40 -21.63 9.21
CA LEU B 398 -9.71 -20.17 9.39
C LEU B 398 -10.53 -19.91 10.63
N MET B 399 -9.94 -19.19 11.57
CA MET B 399 -10.58 -19.08 12.86
C MET B 399 -11.72 -18.06 12.86
N ASN B 400 -11.63 -17.07 11.99
CA ASN B 400 -12.62 -15.99 12.02
C ASN B 400 -13.95 -16.47 11.52
N LEU B 401 -13.91 -17.21 10.42
CA LEU B 401 -15.09 -17.83 9.87
C LEU B 401 -15.53 -19.05 10.65
N GLY B 402 -14.56 -19.78 11.24
CA GLY B 402 -14.93 -20.98 11.91
C GLY B 402 -15.45 -20.82 13.29
N CYS B 403 -14.98 -19.79 14.00
CA CYS B 403 -15.37 -19.51 15.37
C CYS B 403 -16.34 -18.36 15.52
N ALA B 404 -16.45 -17.53 14.50
CA ALA B 404 -17.35 -16.40 14.52
C ALA B 404 -18.10 -16.36 13.18
N THR B 405 -18.16 -15.24 12.49
CA THR B 405 -18.95 -15.10 11.26
C THR B 405 -18.12 -14.48 10.16
N GLY B 406 -16.79 -14.51 10.27
CA GLY B 406 -16.00 -13.83 9.31
C GLY B 406 -16.20 -12.35 9.30
N HIS B 407 -15.73 -11.74 8.23
CA HIS B 407 -15.81 -10.30 8.06
C HIS B 407 -17.26 -9.83 8.08
N PRO B 408 -17.46 -8.55 8.37
CA PRO B 408 -18.77 -7.97 8.35
C PRO B 408 -19.18 -7.59 6.93
N SER B 409 -20.49 -7.34 6.78
CA SER B 409 -21.09 -7.04 5.52
C SER B 409 -20.47 -5.85 4.78
N PHE B 410 -20.20 -4.74 5.47
CA PHE B 410 -19.79 -3.57 4.73
C PHE B 410 -18.49 -3.84 3.98
N VAL B 411 -17.50 -4.45 4.63
CA VAL B 411 -16.25 -4.66 3.94
C VAL B 411 -16.40 -5.77 2.91
N MET B 412 -17.24 -6.76 3.17
CA MET B 412 -17.47 -7.77 2.15
C MET B 412 -18.19 -7.21 0.92
N SER B 413 -18.92 -6.13 1.08
CA SER B 413 -19.51 -5.49 -0.06
C SER B 413 -18.45 -4.94 -1.00
N CYS B 414 -17.34 -4.48 -0.40
CA CYS B 414 -16.22 -4.02 -1.23
C CYS B 414 -15.65 -5.21 -2.02
N SER B 415 -15.33 -6.28 -1.31
CA SER B 415 -14.79 -7.48 -1.96
C SER B 415 -15.75 -7.99 -3.02
N PHE B 416 -17.01 -8.09 -2.66
CA PHE B 416 -17.96 -8.76 -3.53
C PHE B 416 -18.47 -7.90 -4.65
N THR B 417 -18.41 -6.57 -4.55
CA THR B 417 -18.68 -5.75 -5.71
C THR B 417 -17.55 -5.95 -6.73
N ASN B 418 -16.30 -6.12 -6.27
CA ASN B 418 -15.21 -6.53 -7.18
C ASN B 418 -15.56 -7.87 -7.84
N GLN B 419 -16.06 -8.84 -7.07
CA GLN B 419 -16.46 -10.12 -7.67
C GLN B 419 -17.49 -9.95 -8.79
N VAL B 420 -18.49 -9.13 -8.52
CA VAL B 420 -19.54 -8.92 -9.52
C VAL B 420 -18.94 -8.28 -10.78
N ILE B 421 -18.11 -7.28 -10.60
CA ILE B 421 -17.46 -6.61 -11.69
C ILE B 421 -16.61 -7.62 -12.49
N ALA B 422 -15.86 -8.44 -11.79
CA ALA B 422 -15.02 -9.47 -12.46
C ALA B 422 -15.85 -10.45 -13.29
N GLN B 423 -16.91 -10.93 -12.68
CA GLN B 423 -17.84 -11.82 -13.35
C GLN B 423 -18.44 -11.20 -14.58
N LEU B 424 -18.90 -9.95 -14.46
CA LEU B 424 -19.40 -9.22 -15.62
C LEU B 424 -18.37 -9.05 -16.68
N GLU B 425 -17.14 -8.74 -16.34
CA GLU B 425 -16.16 -8.56 -17.33
CA GLU B 425 -16.02 -8.57 -17.29
C GLU B 425 -15.81 -9.87 -18.06
N LEU B 426 -15.70 -10.97 -17.35
CA LEU B 426 -15.38 -12.24 -17.99
C LEU B 426 -16.49 -12.64 -18.95
N TRP B 427 -17.71 -12.48 -18.50
CA TRP B 427 -18.87 -12.86 -19.31
C TRP B 427 -19.07 -11.94 -20.51
N ASN B 428 -18.90 -10.65 -20.31
CA ASN B 428 -19.15 -9.69 -21.37
CA ASN B 428 -19.12 -9.69 -21.37
C ASN B 428 -18.11 -9.84 -22.45
N GLU B 429 -16.94 -10.35 -22.09
CA GLU B 429 -15.96 -10.80 -23.09
C GLU B 429 -16.04 -12.33 -23.37
N LYS B 430 -17.21 -12.96 -23.17
CA LYS B 430 -17.25 -14.46 -23.40
C LYS B 430 -16.70 -14.85 -24.81
N SER B 431 -16.88 -14.01 -25.82
CA SER B 431 -16.52 -14.42 -27.21
C SER B 431 -15.50 -13.50 -27.86
N SER B 432 -14.64 -12.91 -27.02
N SER B 432 -14.53 -13.12 -27.06
CA SER B 432 -13.90 -11.62 -27.25
CA SER B 432 -13.31 -12.50 -27.57
C SER B 432 -12.45 -11.54 -27.87
C SER B 432 -12.02 -13.15 -26.98
N GLY B 433 -11.43 -11.96 -27.10
N GLY B 433 -10.87 -12.53 -27.31
CA GLY B 433 -9.97 -11.78 -27.36
CA GLY B 433 -9.57 -12.70 -26.59
C GLY B 433 -9.17 -11.34 -26.14
C GLY B 433 -9.01 -11.48 -25.80
N LYS B 434 -9.87 -10.64 -25.24
CA LYS B 434 -9.32 -9.77 -24.27
C LYS B 434 -8.61 -10.62 -23.23
N TYR B 435 -9.19 -11.79 -22.89
CA TYR B 435 -8.66 -12.60 -21.78
C TYR B 435 -8.21 -13.93 -22.33
N GLU B 436 -6.92 -14.16 -22.15
CA GLU B 436 -6.27 -15.39 -22.44
C GLU B 436 -6.19 -16.25 -21.15
N LYS B 437 -5.52 -17.39 -21.23
CA LYS B 437 -5.36 -18.31 -20.10
CA LYS B 437 -5.42 -18.28 -20.09
C LYS B 437 -4.28 -17.79 -19.17
N LYS B 438 -4.56 -16.64 -18.57
CA LYS B 438 -3.65 -15.93 -17.70
C LYS B 438 -4.42 -15.27 -16.62
N VAL B 439 -3.69 -14.72 -15.67
CA VAL B 439 -4.27 -13.97 -14.52
C VAL B 439 -4.25 -12.48 -14.81
N TYR B 440 -5.39 -11.84 -14.58
CA TYR B 440 -5.60 -10.41 -14.79
C TYR B 440 -6.12 -9.77 -13.50
N VAL B 441 -5.94 -8.45 -13.41
CA VAL B 441 -6.59 -7.68 -12.37
C VAL B 441 -7.52 -6.66 -12.99
N LEU B 442 -8.51 -6.24 -12.22
CA LEU B 442 -9.41 -5.20 -12.68
C LEU B 442 -8.73 -3.85 -12.80
N PRO B 443 -9.18 -3.04 -13.76
CA PRO B 443 -8.55 -1.73 -13.95
C PRO B 443 -8.90 -0.77 -12.84
N LYS B 444 -8.03 0.22 -12.66
CA LYS B 444 -8.14 1.17 -11.57
C LYS B 444 -9.42 1.92 -11.53
N HIS B 445 -9.96 2.28 -12.66
CA HIS B 445 -11.22 3.04 -12.65
C HIS B 445 -12.36 2.23 -12.01
N LEU B 446 -12.32 0.91 -12.18
CA LEU B 446 -13.35 0.07 -11.57
C LEU B 446 -13.08 -0.12 -10.08
N ASP B 447 -11.82 -0.23 -9.70
CA ASP B 447 -11.42 -0.28 -8.30
C ASP B 447 -11.94 0.98 -7.57
N GLU B 448 -11.69 2.15 -8.20
CA GLU B 448 -12.21 3.41 -7.67
C GLU B 448 -13.71 3.46 -7.59
N LYS B 449 -14.39 2.90 -8.59
CA LYS B 449 -15.85 2.85 -8.56
C LYS B 449 -16.32 2.09 -7.35
N VAL B 450 -15.69 0.96 -7.06
CA VAL B 450 -16.10 0.19 -5.88
C VAL B 450 -16.05 1.09 -4.62
N ALA B 451 -14.97 1.78 -4.41
CA ALA B 451 -14.89 2.66 -3.25
C ALA B 451 -15.94 3.73 -3.25
N ALA B 452 -16.11 4.39 -4.39
CA ALA B 452 -17.06 5.45 -4.53
C ALA B 452 -18.45 4.98 -4.15
N LEU B 453 -18.80 3.75 -4.49
CA LEU B 453 -20.15 3.22 -4.19
C LEU B 453 -20.39 3.02 -2.72
N HIS B 454 -19.36 3.06 -1.88
CA HIS B 454 -19.47 2.88 -0.46
C HIS B 454 -19.41 4.13 0.40
N LEU B 455 -19.10 5.30 -0.21
CA LEU B 455 -18.91 6.51 0.53
C LEU B 455 -20.16 7.10 1.10
N GLU B 456 -21.23 7.13 0.31
CA GLU B 456 -22.50 7.74 0.71
CA GLU B 456 -22.39 7.84 0.79
C GLU B 456 -23.02 7.13 2.01
N LYS B 457 -22.94 5.80 2.07
CA LYS B 457 -23.41 5.12 3.27
C LYS B 457 -22.75 5.62 4.54
N LEU B 458 -21.50 5.97 4.45
CA LEU B 458 -20.76 6.50 5.55
C LEU B 458 -20.77 7.98 5.70
N GLY B 459 -21.47 8.66 4.81
CA GLY B 459 -21.55 10.11 4.93
C GLY B 459 -20.30 10.84 4.52
N ALA B 460 -19.37 10.13 3.90
CA ALA B 460 -18.09 10.72 3.46
C ALA B 460 -18.34 11.57 2.21
N LYS B 461 -17.94 12.84 2.27
CA LYS B 461 -18.17 13.74 1.16
CA LYS B 461 -18.19 13.84 1.22
C LYS B 461 -16.91 14.07 0.44
N LEU B 462 -16.86 13.61 -0.79
CA LEU B 462 -15.72 13.69 -1.65
C LEU B 462 -15.65 15.05 -2.28
N THR B 463 -14.45 15.58 -2.40
CA THR B 463 -14.22 16.78 -3.17
C THR B 463 -14.05 16.48 -4.63
N LYS B 464 -14.55 17.37 -5.48
CA LYS B 464 -14.37 17.28 -6.91
C LYS B 464 -13.25 18.19 -7.36
N LEU B 465 -12.30 17.70 -8.13
CA LEU B 465 -11.27 18.50 -8.73
C LEU B 465 -11.89 19.45 -9.72
N SER B 466 -11.43 20.68 -9.70
CA SER B 466 -11.61 21.51 -10.90
C SER B 466 -10.83 20.94 -12.08
N LYS B 467 -11.19 21.38 -13.28
CA LYS B 467 -10.42 20.99 -14.45
C LYS B 467 -8.95 21.39 -14.34
N ASP B 468 -8.72 22.57 -13.82
CA ASP B 468 -7.37 23.11 -13.64
C ASP B 468 -6.59 22.29 -12.63
N GLN B 469 -7.23 21.93 -11.51
CA GLN B 469 -6.57 21.10 -10.56
C GLN B 469 -6.25 19.71 -11.09
N ALA B 470 -7.19 19.14 -11.86
CA ALA B 470 -6.98 17.77 -12.41
C ALA B 470 -5.77 17.76 -13.34
N ASP B 471 -5.71 18.78 -14.18
CA ASP B 471 -4.52 18.96 -15.03
C ASP B 471 -3.22 19.15 -14.25
N TYR B 472 -3.30 19.91 -13.15
CA TYR B 472 -2.10 20.15 -12.37
C TYR B 472 -1.43 18.89 -11.86
N ILE B 473 -2.23 17.89 -11.50
CA ILE B 473 -1.71 16.65 -10.96
C ILE B 473 -1.76 15.53 -12.02
N SER B 474 -2.12 15.90 -13.24
CA SER B 474 -2.09 15.00 -14.40
C SER B 474 -3.02 13.84 -14.24
N VAL B 475 -4.29 14.11 -13.86
CA VAL B 475 -5.28 13.09 -13.79
C VAL B 475 -6.55 13.61 -14.44
N PRO B 476 -7.42 12.71 -14.87
CA PRO B 476 -8.73 13.17 -15.31
C PRO B 476 -9.65 13.55 -14.14
N VAL B 477 -10.56 14.45 -14.31
CA VAL B 477 -11.51 14.82 -13.27
C VAL B 477 -12.24 13.59 -12.69
N GLU B 478 -12.54 12.64 -13.55
CA GLU B 478 -13.28 11.44 -13.19
C GLU B 478 -12.35 10.29 -12.80
N GLY B 479 -11.05 10.57 -12.73
CA GLY B 479 -10.09 9.54 -12.43
C GLY B 479 -9.79 8.70 -13.67
N PRO B 480 -8.89 7.73 -13.53
CA PRO B 480 -8.26 7.35 -12.26
C PRO B 480 -7.35 8.41 -11.72
N TYR B 481 -7.16 8.35 -10.39
CA TYR B 481 -6.51 9.43 -9.73
C TYR B 481 -5.07 9.16 -9.35
N LYS B 482 -4.64 7.91 -9.51
CA LYS B 482 -3.31 7.51 -9.05
C LYS B 482 -2.61 6.76 -10.17
N PRO B 483 -1.26 6.75 -10.16
CA PRO B 483 -0.52 6.00 -11.15
C PRO B 483 -0.66 4.50 -10.99
N PHE B 484 -0.35 3.80 -12.05
CA PHE B 484 -0.51 2.38 -12.09
C PHE B 484 0.09 1.67 -10.90
N HIS B 485 1.25 2.10 -10.48
N HIS B 485 1.29 2.10 -10.49
CA HIS B 485 1.97 1.39 -9.45
CA HIS B 485 2.09 1.48 -9.43
C HIS B 485 1.75 2.02 -8.06
C HIS B 485 1.70 1.96 -8.02
N TYR B 486 0.71 2.86 -7.88
CA TYR B 486 0.46 3.42 -6.58
C TYR B 486 0.06 2.37 -5.56
N ARG B 487 0.58 2.53 -4.35
CA ARG B 487 0.41 1.51 -3.34
C ARG B 487 -0.63 1.79 -2.27
N TYR B 488 -1.16 3.01 -2.19
CA TYR B 488 -2.15 3.42 -1.18
C TYR B 488 -1.65 3.17 0.23
PA NAD C . 0.01 11.21 -2.81
O1A NAD C . 0.25 9.90 -2.17
O2A NAD C . -0.27 11.30 -4.24
O5B NAD C . -1.10 11.95 -1.98
C5B NAD C . -1.71 13.20 -2.31
C4B NAD C . -3.18 13.07 -2.07
O4B NAD C . -3.82 14.38 -2.29
C3B NAD C . -3.90 12.11 -3.01
O3B NAD C . -4.42 10.95 -2.34
C2B NAD C . -4.95 12.96 -3.74
O2B NAD C . -6.13 12.25 -4.08
C1B NAD C . -5.12 14.10 -2.82
N9A NAD C . -5.62 15.30 -3.42
C8A NAD C . -5.23 15.87 -4.58
N7A NAD C . -5.89 16.99 -4.85
C5A NAD C . -6.73 17.16 -3.78
C6A NAD C . -7.65 18.20 -3.47
N6A NAD C . -7.96 19.19 -4.31
N1A NAD C . -8.26 18.08 -2.27
C2A NAD C . -8.03 17.02 -1.47
N3A NAD C . -7.22 16.00 -1.74
C4A NAD C . -6.56 16.15 -2.89
O3 NAD C . 1.32 12.07 -2.56
PN NAD C . 2.25 12.06 -1.24
O1N NAD C . 3.37 11.13 -1.43
O2N NAD C . 1.36 11.93 -0.06
O5D NAD C . 2.89 13.51 -1.34
C5D NAD C . 2.06 14.67 -1.12
C4D NAD C . 2.98 15.90 -1.22
O4D NAD C . 3.91 15.85 -0.11
C3D NAD C . 3.81 15.93 -2.48
O3D NAD C . 3.90 17.31 -2.88
C2D NAD C . 5.17 15.40 -2.01
O2D NAD C . 6.26 15.78 -2.83
C1D NAD C . 5.29 16.01 -0.63
N1N NAD C . 6.13 15.41 0.35
C2N NAD C . 6.57 16.20 1.40
C3N NAD C . 7.20 15.66 2.48
C7N NAD C . 7.75 16.60 3.54
O7N NAD C . 8.67 16.23 4.29
N7N NAD C . 7.23 17.84 3.62
C4N NAD C . 7.41 14.22 2.62
C5N NAD C . 7.05 13.47 1.45
C6N NAD C . 6.37 14.02 0.38
C TRS D . 17.37 -13.23 4.94
C1 TRS D . 17.61 -13.29 6.47
C2 TRS D . 17.34 -14.65 4.41
C3 TRS D . 18.50 -12.43 4.27
N TRS D . 16.10 -12.58 4.64
O1 TRS D . 16.52 -13.99 7.03
O2 TRS D . 18.61 -15.31 4.58
O3 TRS D . 18.25 -12.18 2.83
O5' ADN E . 10.77 18.06 -0.56
C5' ADN E . 10.09 16.96 0.08
C4' ADN E . 11.05 15.95 0.58
O4' ADN E . 11.67 16.40 1.78
C3' ADN E . 10.42 14.63 1.05
O3' ADN E . 10.17 13.78 -0.05
C2' ADN E . 11.35 14.08 2.05
O2' ADN E . 12.05 12.94 1.61
C1' ADN E . 12.29 15.28 2.29
N9 ADN E . 12.72 15.53 3.69
C8 ADN E . 11.93 15.53 4.79
N7 ADN E . 12.64 15.75 5.87
C5 ADN E . 13.94 15.84 5.47
C6 ADN E . 15.17 16.00 6.14
N6 ADN E . 15.29 16.03 7.48
N1 ADN E . 16.27 16.13 5.37
C2 ADN E . 16.19 16.07 4.07
N3 ADN E . 15.11 15.85 3.34
C4 ADN E . 13.99 15.73 4.08
NA NA F . 14.74 16.46 11.49
PA NAD G . 0.51 -11.39 2.29
O1A NAD G . 0.15 -9.95 2.18
O2A NAD G . 1.37 -12.07 1.30
O5B NAD G . 1.10 -11.59 3.75
C5B NAD G . 1.63 -12.84 4.29
C4B NAD G . 2.86 -12.45 5.04
O4B NAD G . 3.41 -13.66 5.66
C3B NAD G . 4.04 -11.89 4.20
O3B NAD G . 4.35 -10.52 4.52
C2B NAD G . 5.20 -12.86 4.40
O2B NAD G . 6.47 -12.25 4.37
C1B NAD G . 4.82 -13.50 5.70
N9A NAD G . 5.40 -14.81 5.93
C8A NAD G . 5.51 -15.83 5.02
N7A NAD G . 6.12 -16.91 5.57
C5A NAD G . 6.38 -16.54 6.87
C6A NAD G . 6.98 -17.20 7.94
N6A NAD G . 7.48 -18.48 7.81
N1A NAD G . 7.03 -16.57 9.13
C2A NAD G . 6.56 -15.30 9.18
N3A NAD G . 6.03 -14.58 8.25
C4A NAD G . 5.95 -15.25 7.10
O3 NAD G . -0.88 -12.18 2.28
PN NAD G . -2.27 -11.73 2.95
O1N NAD G . -3.08 -11.07 1.91
O2N NAD G . -1.94 -11.06 4.23
O5D NAD G . -2.95 -13.13 3.15
C5D NAD G . -2.40 -14.01 4.18
C4D NAD G . -3.29 -15.27 4.23
O4D NAD G . -4.63 -14.87 4.70
C3D NAD G . -3.51 -15.91 2.85
O3D NAD G . -3.56 -17.31 3.04
C2D NAD G . -4.87 -15.36 2.45
O2D NAD G . -5.55 -16.14 1.44
C1D NAD G . -5.63 -15.36 3.73
N1N NAD G . -6.78 -14.48 3.91
C2N NAD G . -7.66 -14.80 4.90
C3N NAD G . -8.67 -13.95 5.31
C7N NAD G . -9.69 -14.40 6.29
O7N NAD G . -10.79 -13.84 6.32
N7N NAD G . -9.42 -15.46 7.05
C4N NAD G . -8.78 -12.59 4.79
C5N NAD G . -7.87 -12.36 3.69
C6N NAD G . -6.91 -13.25 3.31
C TRS H . -16.01 12.27 -8.77
C1 TRS H . -15.59 13.37 -9.80
C2 TRS H . -16.84 11.12 -9.41
C3 TRS H . -16.86 12.94 -7.70
N TRS H . -14.82 11.66 -8.17
O1 TRS H . -16.73 13.91 -10.50
O2 TRS H . -16.12 10.30 -10.37
O3 TRS H . -16.13 13.96 -7.05
C TRS I . -6.64 -38.00 19.75
C1 TRS I . -5.35 -38.31 18.97
C2 TRS I . -7.40 -36.91 18.96
C3 TRS I . -6.37 -37.43 21.18
N TRS I . -7.43 -39.23 19.82
O1 TRS I . -4.75 -37.11 18.73
O2 TRS I . -7.80 -37.45 17.71
O3 TRS I . -7.53 -37.33 22.05
O5' ADN J . -10.83 -17.69 2.36
C5' ADN J . -10.40 -16.39 2.69
C4' ADN J . -11.34 -15.34 2.26
O4' ADN J . -12.48 -15.33 3.14
C3' ADN J . -10.83 -13.93 2.38
O3' ADN J . -10.06 -13.53 1.24
C2' ADN J . -12.09 -13.05 2.54
O2' ADN J . -12.41 -12.29 1.45
C1' ADN J . -13.19 -14.16 2.83
N9 ADN J . -14.17 -13.84 3.86
C8 ADN J . -13.92 -13.31 5.10
N7 ADN J . -15.06 -13.09 5.75
C5 ADN J . -16.07 -13.49 4.89
C6 ADN J . -17.44 -13.48 4.98
N6 ADN J . -18.15 -12.98 5.99
N1 ADN J . -18.15 -14.02 3.94
C2 ADN J . -17.50 -14.50 2.88
N3 ADN J . -16.16 -14.49 2.69
C4 ADN J . -15.50 -13.98 3.72
NA NA K . -19.42 -11.70 9.63
#